data_8EZ7
#
_entry.id   8EZ7
#
_cell.length_a   1.00
_cell.length_b   1.00
_cell.length_c   1.00
_cell.angle_alpha   90.00
_cell.angle_beta   90.00
_cell.angle_gamma   90.00
#
_symmetry.space_group_name_H-M   'P 1'
#
loop_
_entity.id
_entity.type
_entity.pdbx_description
1 polymer 'Heavy chain of influenza virus neuraminidase antibody 1F04'
2 polymer 'Light chain of influenza virus neuraminidase antibody 1F04'
3 polymer Neuraminidase
4 branched alpha-D-mannopyranose-(1-2)-alpha-D-mannopyranose-(1-3)-beta-D-mannopyranose-(1-4)-2-acetamido-2-deoxy-beta-D-glucopyranose-(1-4)-2-acetamido-2-deoxy-beta-D-glucopyranose
5 non-polymer alpha-D-mannopyranose
6 non-polymer 2-acetamido-2-deoxy-beta-D-glucopyranose
#
loop_
_entity_poly.entity_id
_entity_poly.type
_entity_poly.pdbx_seq_one_letter_code
_entity_poly.pdbx_strand_id
1 'polypeptide(L)'
;EVQLVESGGGLVLPGRSLRLSCVASGFDFSSFEMNWVRQAPGTGLEWLSYISGNGDTIYYAESVKGRFTISRDNAKNSLY
LQMNGLRAEDTATYYCARQRSVYSTSRSNWSVFLDDWGQGTLVTVS
;
H
2 'polypeptide(L)'
;EIVLTQSPGTLSLSPGESATLSCRASQSLAPNYLAWFQQQPGQAPRLLIYGASSRAAGIPDRFSGSGSGTDFTLTITRLE
PEDFAVYYCQQYGGSPPYTFGQGTKVEIKR
;
L
3 'polypeptide(L)'
;AEYRNWSKPQCNITGFAPFSKDNSIRLSAGGDIWVTREPYVSCDPDKCYQFALGQGTTLNNGHSNDTVHDRTPYRTLLMN
ELGVPFHLGTKQVCIAWSSSSCHDGKAWLHVCVTGDDENATASFIYNGRLVDSIGSWSKKILRTQESECVCINGTCTVVM
TDGSASGKADTKILFIEEGKIVHTSPLSGSAQHVEECSCYPRYPGVRCVCRDNWKGSNRPIVDINVKDYSIVSSYVCSGL
VGDTPRKNDSSSSSHCLDPNNEEGGHGVKGWAFDDGNDVWMGRTISEKLRSGYETFKVIEGWSKPNSKLQINRQVIVDRG
NRSGYSGIFSVEGKSCINRCFYVELIRGRKQETEVLWTSNSIVVFCGTSGTYGTGSWPDGADINLMPI
;
A
#
loop_
_chem_comp.id
_chem_comp.type
_chem_comp.name
_chem_comp.formula
BMA D-saccharide, beta linking beta-D-mannopyranose 'C6 H12 O6'
MAN D-saccharide, alpha linking alpha-D-mannopyranose 'C6 H12 O6'
NAG D-saccharide, beta linking 2-acetamido-2-deoxy-beta-D-glucopyranose 'C8 H15 N O6'
#
# COMPACT_ATOMS: atom_id res chain seq x y z
N GLU A 1 -10.60 31.70 -3.73
CA GLU A 1 -11.13 30.39 -4.09
C GLU A 1 -10.20 29.68 -5.06
N VAL A 2 -10.29 28.36 -5.10
CA VAL A 2 -9.46 27.54 -5.99
C VAL A 2 -9.98 27.68 -7.40
N GLN A 3 -9.12 28.11 -8.32
CA GLN A 3 -9.50 28.30 -9.71
C GLN A 3 -8.36 27.85 -10.62
N LEU A 4 -8.71 27.21 -11.72
CA LEU A 4 -7.77 26.83 -12.77
C LEU A 4 -8.27 27.37 -14.10
N VAL A 5 -7.40 28.08 -14.81
CA VAL A 5 -7.75 28.70 -16.08
C VAL A 5 -6.88 28.08 -17.16
N GLU A 6 -7.51 27.37 -18.10
CA GLU A 6 -6.81 26.75 -19.21
C GLU A 6 -6.61 27.75 -20.33
N SER A 7 -5.40 27.82 -20.85
CA SER A 7 -5.05 28.70 -21.97
C SER A 7 -4.69 27.84 -23.18
N GLY A 8 -4.30 28.51 -24.26
CA GLY A 8 -4.00 27.82 -25.49
C GLY A 8 -5.25 27.35 -26.20
N GLY A 9 -5.03 26.45 -27.16
CA GLY A 9 -6.14 25.92 -27.93
C GLY A 9 -6.21 26.47 -29.34
N GLY A 10 -7.33 27.07 -29.69
CA GLY A 10 -7.47 27.64 -31.03
C GLY A 10 -7.51 26.58 -32.11
N LEU A 11 -7.10 26.97 -33.31
CA LEU A 11 -7.10 26.11 -34.47
C LEU A 11 -5.67 25.73 -34.84
N VAL A 12 -5.44 24.44 -35.05
CA VAL A 12 -4.12 23.92 -35.43
C VAL A 12 -4.30 22.96 -36.60
N LEU A 13 -3.22 22.71 -37.28
CA LEU A 13 -3.21 21.77 -38.40
C LEU A 13 -2.77 20.39 -37.94
N PRO A 14 -3.19 19.33 -38.63
CA PRO A 14 -2.75 17.98 -38.25
C PRO A 14 -1.23 17.86 -38.31
N GLY A 15 -0.68 17.15 -37.34
CA GLY A 15 0.75 16.97 -37.24
C GLY A 15 1.51 18.11 -36.61
N ARG A 16 0.82 19.19 -36.21
CA ARG A 16 1.47 20.33 -35.61
C ARG A 16 1.63 20.10 -34.10
N SER A 17 2.02 21.14 -33.38
CA SER A 17 2.23 21.07 -31.94
C SER A 17 1.47 22.19 -31.26
N LEU A 18 1.10 21.96 -30.00
CA LEU A 18 0.39 22.95 -29.20
C LEU A 18 0.83 22.81 -27.75
N ARG A 19 0.65 23.89 -27.00
CA ARG A 19 1.06 23.94 -25.59
C ARG A 19 -0.03 24.64 -24.79
N LEU A 20 -0.93 23.85 -24.22
CA LEU A 20 -1.94 24.39 -23.31
C LEU A 20 -1.31 24.74 -21.97
N SER A 21 -1.84 25.79 -21.35
CA SER A 21 -1.36 26.24 -20.05
C SER A 21 -2.54 26.33 -19.10
N CYS A 22 -2.42 25.69 -17.94
CA CYS A 22 -3.42 25.76 -16.89
C CYS A 22 -2.81 26.50 -15.70
N VAL A 23 -3.21 27.75 -15.51
CA VAL A 23 -2.67 28.58 -14.45
C VAL A 23 -3.54 28.44 -13.21
N ALA A 24 -2.95 27.98 -12.12
CA ALA A 24 -3.69 27.74 -10.89
C ALA A 24 -3.64 28.95 -9.98
N SER A 25 -4.74 29.19 -9.26
CA SER A 25 -4.82 30.30 -8.33
C SER A 25 -5.72 29.91 -7.17
N GLY A 26 -5.29 30.25 -5.96
CA GLY A 26 -6.06 29.99 -4.77
C GLY A 26 -5.60 28.81 -3.94
N PHE A 27 -4.48 28.17 -4.30
CA PHE A 27 -3.96 27.06 -3.51
C PHE A 27 -2.49 26.88 -3.84
N ASP A 28 -1.80 26.14 -2.97
CA ASP A 28 -0.39 25.84 -3.17
C ASP A 28 -0.26 24.81 -4.29
N PHE A 29 0.27 25.25 -5.44
CA PHE A 29 0.28 24.41 -6.63
C PHE A 29 1.11 23.13 -6.41
N SER A 30 2.24 23.25 -5.72
CA SER A 30 3.14 22.12 -5.56
C SER A 30 2.54 21.00 -4.70
N SER A 31 1.52 21.30 -3.90
CA SER A 31 0.98 20.32 -2.95
C SER A 31 -0.09 19.43 -3.54
N PHE A 32 -0.56 19.69 -4.75
CA PHE A 32 -1.64 18.90 -5.35
C PHE A 32 -1.23 18.39 -6.72
N GLU A 33 -1.78 17.23 -7.08
CA GLU A 33 -1.54 16.60 -8.36
C GLU A 33 -2.50 17.14 -9.40
N MET A 34 -2.03 17.21 -10.64
CA MET A 34 -2.77 17.83 -11.73
C MET A 34 -3.05 16.81 -12.82
N ASN A 35 -4.23 16.91 -13.42
CA ASN A 35 -4.66 15.99 -14.46
C ASN A 35 -5.20 16.78 -15.64
N TRP A 36 -5.06 16.20 -16.82
CA TRP A 36 -5.64 16.74 -18.05
C TRP A 36 -6.76 15.83 -18.52
N VAL A 37 -7.95 16.39 -18.70
CA VAL A 37 -9.12 15.64 -19.17
C VAL A 37 -9.68 16.36 -20.37
N ARG A 38 -9.88 15.63 -21.47
CA ARG A 38 -10.46 16.21 -22.67
C ARG A 38 -11.81 15.56 -22.96
N GLN A 39 -12.69 16.32 -23.59
CA GLN A 39 -14.02 15.85 -23.97
C GLN A 39 -14.23 16.18 -25.44
N ALA A 40 -14.26 15.14 -26.28
CA ALA A 40 -14.57 15.35 -27.68
C ALA A 40 -16.02 15.79 -27.83
N PRO A 41 -16.32 16.63 -28.82
CA PRO A 41 -17.71 17.04 -29.04
C PRO A 41 -18.59 15.84 -29.35
N GLY A 42 -19.65 15.69 -28.57
CA GLY A 42 -20.54 14.55 -28.71
C GLY A 42 -20.05 13.28 -28.08
N THR A 43 -18.94 13.32 -27.33
CA THR A 43 -18.37 12.14 -26.71
C THR A 43 -18.09 12.44 -25.24
N GLY A 44 -18.01 11.38 -24.44
CA GLY A 44 -17.83 11.52 -23.02
C GLY A 44 -16.43 11.98 -22.65
N LEU A 45 -16.24 12.17 -21.35
CA LEU A 45 -14.96 12.62 -20.83
C LEU A 45 -13.89 11.56 -21.02
N GLU A 46 -12.67 12.02 -21.31
CA GLU A 46 -11.52 11.15 -21.47
C GLU A 46 -10.37 11.73 -20.66
N TRP A 47 -9.85 10.93 -19.72
CA TRP A 47 -8.68 11.34 -18.96
C TRP A 47 -7.43 11.10 -19.79
N LEU A 48 -6.52 12.08 -19.79
CA LEU A 48 -5.35 12.03 -20.64
C LEU A 48 -4.05 11.85 -19.86
N SER A 49 -3.76 12.73 -18.91
CA SER A 49 -2.45 12.76 -18.30
C SER A 49 -2.57 13.11 -16.83
N TYR A 50 -1.55 12.70 -16.07
CA TYR A 50 -1.46 12.95 -14.63
C TYR A 50 -0.03 13.36 -14.32
N ILE A 51 0.12 14.31 -13.40
CA ILE A 51 1.44 14.72 -12.93
C ILE A 51 1.39 14.90 -11.42
N SER A 52 2.46 14.49 -10.75
CA SER A 52 2.54 14.61 -9.31
C SER A 52 2.97 16.03 -8.92
N GLY A 53 2.97 16.29 -7.62
CA GLY A 53 3.31 17.62 -7.13
C GLY A 53 4.71 18.07 -7.48
N ASN A 54 5.62 17.13 -7.75
CA ASN A 54 6.98 17.46 -8.13
C ASN A 54 7.34 16.99 -9.54
N GLY A 55 6.41 16.38 -10.27
CA GLY A 55 6.64 15.98 -11.63
C GLY A 55 7.36 14.67 -11.83
N ASP A 56 7.71 13.97 -10.74
CA ASP A 56 8.41 12.70 -10.89
C ASP A 56 7.48 11.60 -11.40
N THR A 57 6.24 11.57 -10.89
CA THR A 57 5.25 10.59 -11.30
C THR A 57 4.37 11.20 -12.39
N ILE A 58 4.37 10.58 -13.56
CA ILE A 58 3.59 11.05 -14.70
C ILE A 58 2.95 9.85 -15.38
N TYR A 59 1.65 9.94 -15.66
CA TYR A 59 0.93 8.92 -16.39
C TYR A 59 0.28 9.52 -17.63
N TYR A 60 0.10 8.69 -18.65
CA TYR A 60 -0.54 9.09 -19.89
C TYR A 60 -1.56 8.04 -20.29
N ALA A 61 -2.62 8.48 -20.96
CA ALA A 61 -3.54 7.56 -21.59
C ALA A 61 -2.89 6.91 -22.80
N GLU A 62 -3.39 5.73 -23.16
CA GLU A 62 -2.84 5.01 -24.31
C GLU A 62 -2.99 5.80 -25.60
N SER A 63 -4.06 6.60 -25.71
CA SER A 63 -4.29 7.36 -26.92
C SER A 63 -3.22 8.44 -27.12
N VAL A 64 -2.80 9.09 -26.04
CA VAL A 64 -1.91 10.24 -26.13
C VAL A 64 -0.53 9.93 -25.58
N LYS A 65 -0.24 8.66 -25.27
CA LYS A 65 1.09 8.31 -24.80
C LYS A 65 2.10 8.40 -25.93
N GLY A 66 3.22 9.07 -25.65
CA GLY A 66 4.26 9.31 -26.64
C GLY A 66 4.10 10.64 -27.36
N ARG A 67 2.87 11.02 -27.68
CA ARG A 67 2.63 12.29 -28.36
C ARG A 67 2.58 13.44 -27.36
N PHE A 68 1.67 13.36 -26.39
CA PHE A 68 1.49 14.44 -25.42
C PHE A 68 2.59 14.37 -24.35
N THR A 69 2.80 15.50 -23.69
CA THR A 69 3.78 15.57 -22.60
C THR A 69 3.28 16.59 -21.59
N ILE A 70 3.03 16.14 -20.38
CA ILE A 70 2.56 17.00 -19.30
C ILE A 70 3.77 17.53 -18.53
N SER A 71 3.65 18.77 -18.05
CA SER A 71 4.70 19.38 -17.26
C SER A 71 4.07 20.48 -16.42
N ARG A 72 4.81 20.91 -15.40
CA ARG A 72 4.32 21.94 -14.51
C ARG A 72 5.48 22.79 -14.02
N ASP A 73 5.17 24.05 -13.72
CA ASP A 73 6.12 24.99 -13.12
C ASP A 73 5.50 25.45 -11.80
N ASN A 74 6.01 24.93 -10.70
CA ASN A 74 5.43 25.23 -9.39
C ASN A 74 5.62 26.69 -9.02
N ALA A 75 6.72 27.31 -9.46
CA ALA A 75 6.92 28.73 -9.19
C ALA A 75 5.88 29.59 -9.89
N LYS A 76 5.55 29.25 -11.14
CA LYS A 76 4.58 30.01 -11.91
C LYS A 76 3.16 29.49 -11.74
N ASN A 77 2.96 28.43 -10.95
CA ASN A 77 1.64 27.87 -10.67
C ASN A 77 0.94 27.45 -11.96
N SER A 78 1.69 26.93 -12.91
CA SER A 78 1.19 26.64 -14.25
C SER A 78 1.35 25.16 -14.58
N LEU A 79 0.34 24.60 -15.23
CA LEU A 79 0.36 23.24 -15.72
C LEU A 79 0.33 23.26 -17.24
N TYR A 80 1.27 22.57 -17.88
CA TYR A 80 1.45 22.61 -19.32
C TYR A 80 1.13 21.26 -19.94
N LEU A 81 0.56 21.31 -21.15
CA LEU A 81 0.30 20.11 -21.94
C LEU A 81 0.87 20.35 -23.34
N GLN A 82 2.05 19.78 -23.60
CA GLN A 82 2.71 19.92 -24.89
C GLN A 82 2.25 18.78 -25.79
N MET A 83 1.37 19.09 -26.72
CA MET A 83 0.88 18.10 -27.68
C MET A 83 1.75 18.09 -28.91
N ASN A 84 1.98 16.90 -29.46
CA ASN A 84 2.74 16.74 -30.68
C ASN A 84 2.04 15.73 -31.57
N GLY A 85 2.14 15.93 -32.88
CA GLY A 85 1.52 15.04 -33.83
C GLY A 85 0.01 15.03 -33.72
N LEU A 86 -0.59 16.21 -33.62
CA LEU A 86 -2.04 16.31 -33.47
C LEU A 86 -2.77 15.74 -34.68
N ARG A 87 -3.91 15.10 -34.42
CA ARG A 87 -4.78 14.54 -35.44
C ARG A 87 -6.19 15.08 -35.23
N ALA A 88 -7.09 14.74 -36.17
CA ALA A 88 -8.48 15.17 -36.04
C ALA A 88 -9.13 14.59 -34.80
N GLU A 89 -8.67 13.42 -34.33
CA GLU A 89 -9.21 12.82 -33.12
C GLU A 89 -8.85 13.60 -31.86
N ASP A 90 -7.95 14.57 -31.95
CA ASP A 90 -7.56 15.37 -30.80
C ASP A 90 -8.39 16.64 -30.65
N THR A 91 -9.42 16.81 -31.48
CA THR A 91 -10.30 17.97 -31.39
C THR A 91 -11.25 17.76 -30.21
N ALA A 92 -11.06 18.53 -29.14
CA ALA A 92 -11.84 18.37 -27.92
C ALA A 92 -11.66 19.61 -27.06
N THR A 93 -12.53 19.74 -26.07
CA THR A 93 -12.36 20.74 -25.02
C THR A 93 -11.51 20.13 -23.92
N TYR A 94 -10.40 20.77 -23.59
CA TYR A 94 -9.42 20.22 -22.67
C TYR A 94 -9.58 20.84 -21.30
N TYR A 95 -9.75 20.00 -20.28
CA TYR A 95 -10.00 20.43 -18.92
C TYR A 95 -8.78 20.16 -18.05
N CYS A 96 -8.48 21.11 -17.17
CA CYS A 96 -7.42 20.96 -16.17
C CYS A 96 -8.09 20.70 -14.83
N ALA A 97 -7.79 19.56 -14.23
CA ALA A 97 -8.44 19.12 -13.00
C ALA A 97 -7.40 18.90 -11.91
N ARG A 98 -7.74 19.30 -10.69
CA ARG A 98 -6.87 19.15 -9.53
C ARG A 98 -7.34 17.98 -8.68
N GLN A 99 -6.39 17.14 -8.26
CA GLN A 99 -6.70 16.05 -7.37
C GLN A 99 -6.89 16.55 -5.95
N ARG A 100 -7.90 16.00 -5.27
CA ARG A 100 -8.15 16.29 -3.87
C ARG A 100 -8.24 15.00 -3.08
N SER A 101 -7.79 15.06 -1.83
CA SER A 101 -7.77 13.91 -0.94
C SER A 101 -8.52 14.23 0.33
N VAL A 102 -9.43 13.34 0.73
CA VAL A 102 -10.21 13.49 1.96
C VAL A 102 -9.99 12.23 2.79
N TYR A 103 -9.68 12.42 4.07
CA TYR A 103 -9.19 11.32 4.90
C TYR A 103 -10.26 10.23 5.09
N SER A 104 -11.50 10.63 5.38
CA SER A 104 -12.58 9.68 5.64
C SER A 104 -12.25 8.79 6.84
N THR A 105 -12.22 9.43 8.02
CA THR A 105 -11.82 8.77 9.26
C THR A 105 -12.64 7.52 9.57
N SER A 106 -13.85 7.40 9.02
CA SER A 106 -14.61 6.16 9.19
C SER A 106 -13.88 5.01 8.51
N ARG A 107 -13.33 5.23 7.32
CA ARG A 107 -12.50 4.25 6.64
C ARG A 107 -11.02 4.43 6.94
N SER A 108 -10.59 5.68 7.13
CA SER A 108 -9.21 6.01 7.48
C SER A 108 -8.22 5.73 6.36
N ASN A 109 -8.62 5.89 5.10
CA ASN A 109 -7.70 5.51 4.03
C ASN A 109 -7.71 6.46 2.83
N TRP A 110 -8.02 7.74 3.03
CA TRP A 110 -7.68 8.80 2.08
C TRP A 110 -8.32 8.57 0.70
N SER A 111 -9.64 8.78 0.64
CA SER A 111 -10.31 8.86 -0.65
C SER A 111 -9.67 9.93 -1.53
N VAL A 112 -9.51 9.61 -2.82
CA VAL A 112 -8.77 10.44 -3.77
C VAL A 112 -9.66 10.66 -5.00
N PHE A 113 -9.71 11.92 -5.46
CA PHE A 113 -10.65 12.28 -6.53
C PHE A 113 -10.18 13.56 -7.20
N LEU A 114 -10.80 13.87 -8.34
CA LEU A 114 -10.62 15.14 -9.04
C LEU A 114 -11.79 16.05 -8.71
N ASP A 115 -11.51 17.22 -8.15
CA ASP A 115 -12.56 18.10 -7.66
C ASP A 115 -12.71 19.36 -8.49
N ASP A 116 -11.65 20.15 -8.63
CA ASP A 116 -11.74 21.48 -9.23
C ASP A 116 -11.42 21.38 -10.71
N TRP A 117 -12.36 21.77 -11.54
CA TRP A 117 -12.21 21.75 -13.00
C TRP A 117 -12.27 23.16 -13.54
N GLY A 118 -11.40 23.46 -14.49
CA GLY A 118 -11.46 24.73 -15.18
C GLY A 118 -12.58 24.75 -16.20
N GLN A 119 -12.81 25.93 -16.77
CA GLN A 119 -13.82 26.05 -17.80
C GLN A 119 -13.41 25.38 -19.11
N GLY A 120 -12.15 24.99 -19.24
CA GLY A 120 -11.69 24.27 -20.40
C GLY A 120 -11.16 25.18 -21.50
N THR A 121 -10.48 24.55 -22.46
CA THR A 121 -10.00 25.24 -23.65
C THR A 121 -10.29 24.37 -24.86
N LEU A 122 -10.79 25.00 -25.91
CA LEU A 122 -11.18 24.28 -27.12
C LEU A 122 -9.98 24.18 -28.05
N VAL A 123 -9.64 22.95 -28.44
CA VAL A 123 -8.56 22.69 -29.38
C VAL A 123 -9.17 22.03 -30.60
N THR A 124 -8.98 22.66 -31.77
CA THR A 124 -9.46 22.11 -33.03
C THR A 124 -8.27 21.83 -33.93
N VAL A 125 -8.19 20.61 -34.44
CA VAL A 125 -7.10 20.18 -35.30
C VAL A 125 -7.68 19.98 -36.70
N SER A 126 -7.34 20.87 -37.62
CA SER A 126 -7.83 20.80 -38.98
C SER A 126 -6.95 21.62 -39.93
N GLU B 1 -6.47 -3.19 -16.01
CA GLU B 1 -7.08 -1.88 -16.07
C GLU B 1 -8.55 -1.94 -15.67
N ILE B 2 -8.98 -1.00 -14.84
CA ILE B 2 -10.38 -0.92 -14.43
C ILE B 2 -11.16 -0.24 -15.56
N VAL B 3 -12.10 -0.98 -16.15
CA VAL B 3 -12.99 -0.45 -17.17
C VAL B 3 -14.36 -0.27 -16.53
N LEU B 4 -14.85 0.97 -16.52
CA LEU B 4 -16.14 1.28 -15.94
C LEU B 4 -17.22 1.24 -17.01
N THR B 5 -18.37 0.66 -16.67
CA THR B 5 -19.49 0.51 -17.59
C THR B 5 -20.76 0.97 -16.88
N GLN B 6 -21.30 2.10 -17.31
CA GLN B 6 -22.60 2.54 -16.80
C GLN B 6 -23.71 1.82 -17.54
N SER B 7 -24.56 1.14 -16.77
CA SER B 7 -25.59 0.27 -17.35
C SER B 7 -26.68 1.07 -18.07
N PRO B 8 -27.36 2.02 -17.40
CA PRO B 8 -28.39 2.78 -18.13
C PRO B 8 -27.78 3.88 -18.97
N GLY B 9 -27.32 3.54 -20.18
CA GLY B 9 -26.71 4.50 -21.08
C GLY B 9 -27.52 5.77 -21.25
N THR B 10 -28.83 5.63 -21.34
CA THR B 10 -29.75 6.75 -21.34
C THR B 10 -30.89 6.46 -20.38
N LEU B 11 -31.26 7.45 -19.57
CA LEU B 11 -32.29 7.29 -18.56
C LEU B 11 -33.41 8.29 -18.80
N SER B 12 -34.65 7.84 -18.68
CA SER B 12 -35.83 8.67 -18.87
C SER B 12 -36.64 8.65 -17.56
N LEU B 13 -36.60 9.76 -16.84
CA LEU B 13 -37.26 9.88 -15.54
C LEU B 13 -38.21 11.07 -15.57
N SER B 14 -38.86 11.32 -14.45
CA SER B 14 -39.78 12.43 -14.30
C SER B 14 -39.42 13.23 -13.05
N PRO B 15 -39.66 14.54 -13.07
CA PRO B 15 -39.31 15.37 -11.90
C PRO B 15 -40.06 14.89 -10.66
N GLY B 16 -39.33 14.87 -9.54
CA GLY B 16 -39.88 14.38 -8.29
C GLY B 16 -39.69 12.90 -8.06
N GLU B 17 -39.26 12.15 -9.07
CA GLU B 17 -39.04 10.72 -8.94
C GLU B 17 -37.61 10.45 -8.48
N SER B 18 -37.26 9.17 -8.38
CA SER B 18 -35.94 8.74 -7.94
C SER B 18 -35.23 8.04 -9.09
N ALA B 19 -34.01 8.48 -9.38
CA ALA B 19 -33.20 7.90 -10.44
C ALA B 19 -32.03 7.12 -9.84
N THR B 20 -31.79 5.92 -10.37
CA THR B 20 -30.72 5.06 -9.91
C THR B 20 -29.76 4.82 -11.07
N LEU B 21 -28.52 5.26 -10.90
CA LEU B 21 -27.46 5.09 -11.89
C LEU B 21 -26.43 4.14 -11.35
N SER B 22 -25.97 3.21 -12.20
CA SER B 22 -25.05 2.17 -11.77
C SER B 22 -23.76 2.26 -12.57
N CYS B 23 -22.64 2.02 -11.88
CA CYS B 23 -21.33 1.92 -12.51
C CYS B 23 -20.75 0.56 -12.16
N ARG B 24 -20.28 -0.16 -13.17
CA ARG B 24 -19.73 -1.51 -12.98
C ARG B 24 -18.26 -1.49 -13.37
N ALA B 25 -17.39 -1.88 -12.43
CA ALA B 25 -15.97 -1.96 -12.68
C ALA B 25 -15.59 -3.35 -13.17
N SER B 26 -14.65 -3.41 -14.11
CA SER B 26 -14.24 -4.69 -14.66
C SER B 26 -13.62 -5.58 -13.59
N GLN B 27 -12.77 -5.00 -12.73
CA GLN B 27 -12.21 -5.69 -11.58
C GLN B 27 -12.65 -4.97 -10.32
N SER B 28 -12.33 -5.56 -9.17
CA SER B 28 -12.76 -5.02 -7.89
C SER B 28 -12.08 -3.68 -7.65
N LEU B 29 -12.88 -2.63 -7.50
CA LEU B 29 -12.38 -1.28 -7.29
C LEU B 29 -12.78 -0.80 -5.90
N ALA B 30 -11.83 -0.21 -5.18
CA ALA B 30 -12.13 0.32 -3.87
C ALA B 30 -13.08 1.51 -3.98
N PRO B 31 -13.96 1.71 -3.00
CA PRO B 31 -14.83 2.89 -3.04
C PRO B 31 -14.07 4.20 -3.02
N ASN B 32 -12.88 4.22 -2.42
CA ASN B 32 -12.09 5.45 -2.33
C ASN B 32 -11.74 6.02 -3.68
N TYR B 33 -11.76 5.22 -4.73
CA TYR B 33 -11.26 5.62 -6.04
C TYR B 33 -12.36 5.77 -7.08
N LEU B 34 -13.62 5.85 -6.66
CA LEU B 34 -14.72 6.07 -7.59
C LEU B 34 -15.43 7.36 -7.24
N ALA B 35 -15.65 8.20 -8.24
CA ALA B 35 -16.31 9.48 -8.07
C ALA B 35 -17.37 9.65 -9.15
N TRP B 36 -18.41 10.41 -8.82
CA TRP B 36 -19.52 10.66 -9.73
C TRP B 36 -19.50 12.12 -10.14
N PHE B 37 -19.55 12.37 -11.45
CA PHE B 37 -19.52 13.71 -12.00
C PHE B 37 -20.78 13.97 -12.80
N GLN B 38 -21.34 15.16 -12.63
CA GLN B 38 -22.50 15.62 -13.37
C GLN B 38 -22.09 16.75 -14.29
N GLN B 39 -22.40 16.60 -15.58
CA GLN B 39 -22.03 17.59 -16.58
C GLN B 39 -23.28 18.12 -17.27
N GLN B 40 -23.47 19.43 -17.23
CA GLN B 40 -24.50 20.07 -18.02
C GLN B 40 -24.05 20.12 -19.48
N PRO B 41 -24.99 20.31 -20.41
CA PRO B 41 -24.62 20.27 -21.84
C PRO B 41 -23.57 21.29 -22.23
N GLY B 42 -23.48 22.43 -21.53
CA GLY B 42 -22.49 23.43 -21.89
C GLY B 42 -21.66 23.93 -20.72
N GLN B 43 -21.34 23.04 -19.79
CA GLN B 43 -20.58 23.42 -18.60
C GLN B 43 -19.48 22.40 -18.33
N ALA B 44 -18.59 22.77 -17.42
CA ALA B 44 -17.54 21.85 -16.99
C ALA B 44 -18.14 20.79 -16.07
N PRO B 45 -17.53 19.60 -16.02
CA PRO B 45 -18.03 18.56 -15.11
C PRO B 45 -17.96 19.00 -13.66
N ARG B 46 -18.96 18.61 -12.88
CA ARG B 46 -19.06 18.95 -11.47
C ARG B 46 -19.06 17.67 -10.65
N LEU B 47 -18.21 17.63 -9.62
CA LEU B 47 -18.10 16.46 -8.77
C LEU B 47 -19.28 16.42 -7.79
N LEU B 48 -20.04 15.32 -7.81
CA LEU B 48 -21.15 15.12 -6.89
C LEU B 48 -20.73 14.32 -5.67
N ILE B 49 -20.27 13.10 -5.88
CA ILE B 49 -19.92 12.19 -4.80
C ILE B 49 -18.52 11.64 -5.06
N TYR B 50 -17.65 11.78 -4.06
CA TYR B 50 -16.34 11.14 -4.05
C TYR B 50 -16.34 10.01 -3.03
N GLY B 51 -15.40 9.09 -3.19
CA GLY B 51 -15.38 7.93 -2.33
C GLY B 51 -16.57 7.02 -2.48
N ALA B 52 -17.36 7.21 -3.55
CA ALA B 52 -18.50 6.37 -3.91
C ALA B 52 -19.65 6.49 -2.91
N SER B 53 -19.46 7.22 -1.81
CA SER B 53 -20.51 7.36 -0.81
C SER B 53 -20.66 8.76 -0.22
N SER B 54 -19.70 9.65 -0.38
CA SER B 54 -19.69 10.94 0.32
C SER B 54 -19.92 12.08 -0.65
N ARG B 55 -20.92 12.92 -0.34
CA ARG B 55 -21.24 14.05 -1.19
C ARG B 55 -20.14 15.10 -1.13
N ALA B 56 -19.92 15.76 -2.28
CA ALA B 56 -18.98 16.86 -2.34
C ALA B 56 -19.58 18.10 -1.67
N ALA B 57 -18.72 19.06 -1.37
CA ALA B 57 -19.17 20.30 -0.74
C ALA B 57 -20.06 21.09 -1.69
N GLY B 58 -21.19 21.57 -1.17
CA GLY B 58 -22.15 22.29 -1.97
C GLY B 58 -23.13 21.43 -2.72
N ILE B 59 -23.00 20.11 -2.64
CA ILE B 59 -23.91 19.18 -3.31
C ILE B 59 -25.09 18.89 -2.40
N PRO B 60 -26.32 19.07 -2.86
CA PRO B 60 -27.48 18.83 -2.00
C PRO B 60 -27.61 17.36 -1.65
N ASP B 61 -28.31 17.11 -0.53
CA ASP B 61 -28.55 15.75 -0.05
C ASP B 61 -29.41 14.93 -1.01
N ARG B 62 -29.79 15.51 -2.15
CA ARG B 62 -30.54 14.77 -3.16
C ARG B 62 -29.75 13.59 -3.68
N PHE B 63 -28.46 13.78 -3.94
CA PHE B 63 -27.61 12.74 -4.50
C PHE B 63 -27.03 11.88 -3.38
N SER B 64 -27.01 10.57 -3.61
CA SER B 64 -26.50 9.62 -2.64
C SER B 64 -25.75 8.52 -3.38
N GLY B 65 -24.49 8.28 -3.01
CA GLY B 65 -23.70 7.24 -3.60
C GLY B 65 -23.64 6.00 -2.72
N SER B 66 -23.36 4.87 -3.34
CA SER B 66 -23.25 3.60 -2.64
C SER B 66 -22.49 2.62 -3.52
N GLY B 67 -22.08 1.51 -2.92
CA GLY B 67 -21.46 0.44 -3.64
C GLY B 67 -19.98 0.29 -3.32
N SER B 68 -19.45 -0.89 -3.62
CA SER B 68 -18.04 -1.21 -3.42
C SER B 68 -17.68 -2.38 -4.32
N GLY B 69 -16.39 -2.61 -4.48
CA GLY B 69 -15.91 -3.71 -5.29
C GLY B 69 -16.13 -3.49 -6.78
N THR B 70 -17.06 -4.24 -7.37
CA THR B 70 -17.32 -4.16 -8.79
C THR B 70 -18.62 -3.44 -9.14
N ASP B 71 -19.48 -3.17 -8.16
CA ASP B 71 -20.76 -2.54 -8.41
C ASP B 71 -20.87 -1.26 -7.61
N PHE B 72 -21.11 -0.15 -8.29
CA PHE B 72 -21.31 1.15 -7.66
C PHE B 72 -22.59 1.76 -8.20
N THR B 73 -23.33 2.45 -7.33
CA THR B 73 -24.61 3.01 -7.71
C THR B 73 -24.69 4.48 -7.31
N LEU B 74 -25.41 5.25 -8.10
CA LEU B 74 -25.71 6.65 -7.82
C LEU B 74 -27.21 6.81 -7.72
N THR B 75 -27.69 7.35 -6.61
CA THR B 75 -29.11 7.51 -6.35
C THR B 75 -29.45 8.99 -6.28
N ILE B 76 -30.41 9.41 -7.11
CA ILE B 76 -30.90 10.80 -7.09
C ILE B 76 -32.39 10.71 -6.78
N THR B 77 -32.73 10.83 -5.50
CA THR B 77 -34.13 10.93 -5.11
C THR B 77 -34.66 12.32 -5.42
N ARG B 78 -35.99 12.44 -5.41
CA ARG B 78 -36.71 13.71 -5.59
C ARG B 78 -36.07 14.59 -6.67
N LEU B 79 -36.06 14.06 -7.89
CA LEU B 79 -35.38 14.70 -8.99
C LEU B 79 -35.89 16.13 -9.22
N GLU B 80 -35.02 16.96 -9.75
CA GLU B 80 -35.26 18.37 -10.00
C GLU B 80 -34.85 18.70 -11.43
N PRO B 81 -35.36 19.80 -12.00
CA PRO B 81 -35.02 20.12 -13.39
C PRO B 81 -33.54 20.28 -13.65
N GLU B 82 -32.76 20.68 -12.64
CA GLU B 82 -31.31 20.81 -12.81
C GLU B 82 -30.58 19.48 -12.67
N ASP B 83 -31.27 18.42 -12.30
CA ASP B 83 -30.66 17.10 -12.15
C ASP B 83 -30.70 16.27 -13.42
N PHE B 84 -31.21 16.83 -14.52
CA PHE B 84 -31.26 16.13 -15.81
C PHE B 84 -30.03 16.52 -16.60
N ALA B 85 -28.95 15.77 -16.42
CA ALA B 85 -27.68 16.03 -17.08
C ALA B 85 -27.03 14.68 -17.40
N VAL B 86 -25.80 14.73 -17.90
CA VAL B 86 -25.02 13.54 -18.15
C VAL B 86 -24.17 13.26 -16.92
N TYR B 87 -24.23 12.02 -16.43
CA TYR B 87 -23.52 11.63 -15.21
C TYR B 87 -22.40 10.66 -15.57
N TYR B 88 -21.19 10.96 -15.12
CA TYR B 88 -20.02 10.12 -15.34
C TYR B 88 -19.52 9.57 -14.01
N CYS B 89 -19.21 8.29 -14.00
CA CYS B 89 -18.46 7.68 -12.91
C CYS B 89 -17.01 7.55 -13.37
N GLN B 90 -16.08 8.01 -12.55
CA GLN B 90 -14.66 7.94 -12.87
C GLN B 90 -13.93 7.13 -11.81
N GLN B 91 -13.04 6.26 -12.27
CA GLN B 91 -12.08 5.61 -11.41
C GLN B 91 -10.81 6.45 -11.39
N TYR B 92 -10.50 7.04 -10.24
CA TYR B 92 -9.32 7.88 -10.15
C TYR B 92 -8.57 7.52 -8.89
N GLY B 93 -7.25 7.33 -9.02
CA GLY B 93 -6.40 7.02 -7.90
C GLY B 93 -6.04 5.56 -7.75
N GLY B 94 -6.80 4.65 -8.34
CA GLY B 94 -6.52 3.23 -8.22
C GLY B 94 -5.41 2.74 -9.13
N SER B 95 -5.63 2.80 -10.44
CA SER B 95 -4.67 2.39 -11.44
C SER B 95 -4.47 3.49 -12.46
N PRO B 96 -3.26 3.66 -12.99
CA PRO B 96 -2.90 4.88 -13.73
C PRO B 96 -3.88 5.22 -14.85
N PRO B 97 -4.43 4.23 -15.58
CA PRO B 97 -5.47 4.66 -16.55
C PRO B 97 -6.78 5.07 -15.86
N TYR B 98 -6.80 6.32 -15.39
CA TYR B 98 -7.94 6.85 -14.65
C TYR B 98 -9.11 7.18 -15.55
N THR B 99 -9.69 6.17 -16.19
CA THR B 99 -10.72 6.39 -17.19
C THR B 99 -12.07 6.75 -16.56
N PHE B 100 -12.88 7.44 -17.33
CA PHE B 100 -14.26 7.74 -16.98
C PHE B 100 -15.19 6.66 -17.52
N GLY B 101 -16.41 6.66 -17.02
CA GLY B 101 -17.46 5.85 -17.62
C GLY B 101 -17.94 6.47 -18.92
N GLN B 102 -18.68 5.67 -19.69
CA GLN B 102 -19.17 6.15 -20.97
C GLN B 102 -20.21 7.25 -20.82
N GLY B 103 -20.80 7.39 -19.64
CA GLY B 103 -21.76 8.44 -19.39
C GLY B 103 -23.18 7.92 -19.36
N THR B 104 -24.03 8.63 -18.60
CA THR B 104 -25.45 8.28 -18.49
C THR B 104 -26.25 9.57 -18.56
N LYS B 105 -27.10 9.69 -19.57
CA LYS B 105 -27.94 10.87 -19.72
C LYS B 105 -29.29 10.64 -19.06
N VAL B 106 -29.68 11.55 -18.18
CA VAL B 106 -30.97 11.50 -17.51
C VAL B 106 -31.89 12.49 -18.21
N GLU B 107 -33.01 11.99 -18.74
CA GLU B 107 -33.94 12.79 -19.52
C GLU B 107 -35.29 12.87 -18.83
N ILE B 108 -36.05 13.89 -19.20
CA ILE B 108 -37.42 14.05 -18.70
C ILE B 108 -38.34 13.18 -19.54
N LYS B 109 -39.07 12.28 -18.89
CA LYS B 109 -39.97 11.37 -19.57
C LYS B 109 -41.33 12.01 -19.79
N ARG B 110 -41.87 11.84 -20.99
CA ARG B 110 -43.18 12.39 -21.32
C ARG B 110 -44.02 11.38 -22.10
N ALA C 1 -12.48 -26.93 15.60
CA ALA C 1 -11.91 -25.59 15.49
C ALA C 1 -12.80 -24.69 14.63
N GLU C 2 -12.81 -23.41 14.94
CA GLU C 2 -13.58 -22.42 14.21
C GLU C 2 -12.65 -21.46 13.49
N TYR C 3 -13.19 -20.80 12.47
CA TYR C 3 -12.40 -19.84 11.71
C TYR C 3 -12.16 -18.59 12.53
N ARG C 4 -10.90 -18.16 12.59
CA ARG C 4 -10.49 -17.03 13.39
C ARG C 4 -10.85 -15.72 12.67
N ASN C 5 -11.57 -14.84 13.36
CA ASN C 5 -12.23 -13.71 12.74
C ASN C 5 -11.63 -12.36 13.09
N TRP C 6 -10.98 -12.22 14.24
CA TRP C 6 -10.37 -10.96 14.67
C TRP C 6 -11.41 -9.85 14.83
N SER C 7 -12.60 -10.22 15.30
CA SER C 7 -13.69 -9.25 15.43
C SER C 7 -13.57 -8.36 16.66
N LYS C 8 -12.67 -8.69 17.58
CA LYS C 8 -12.48 -7.86 18.76
C LYS C 8 -11.81 -6.54 18.39
N PRO C 9 -12.02 -5.49 19.17
CA PRO C 9 -11.35 -4.21 18.91
C PRO C 9 -9.87 -4.30 19.26
N GLN C 10 -9.13 -3.28 18.84
CA GLN C 10 -7.72 -3.20 19.19
C GLN C 10 -7.56 -2.85 20.66
N CYS C 11 -6.61 -3.50 21.31
CA CYS C 11 -6.33 -3.22 22.71
C CYS C 11 -5.76 -1.82 22.87
N ASN C 12 -5.98 -1.24 24.04
CA ASN C 12 -5.35 0.03 24.35
C ASN C 12 -3.84 -0.19 24.52
N ILE C 13 -3.05 0.60 23.80
CA ILE C 13 -1.60 0.49 23.81
C ILE C 13 -1.02 1.75 24.43
N THR C 14 -0.35 1.59 25.56
CA THR C 14 0.43 2.67 26.16
C THR C 14 1.92 2.49 25.88
N GLY C 15 2.29 1.46 25.15
CA GLY C 15 3.68 1.11 24.93
C GLY C 15 3.80 -0.39 24.75
N PHE C 16 5.03 -0.89 24.85
CA PHE C 16 5.31 -2.28 24.59
C PHE C 16 6.21 -2.85 25.68
N ALA C 17 5.89 -4.07 26.10
CA ALA C 17 6.63 -4.80 27.10
C ALA C 17 7.38 -5.96 26.47
N PRO C 18 8.55 -6.33 26.99
CA PRO C 18 9.27 -7.47 26.43
C PRO C 18 8.46 -8.75 26.54
N PHE C 19 8.53 -9.57 25.49
CA PHE C 19 7.77 -10.81 25.46
C PHE C 19 8.63 -12.04 25.24
N SER C 20 9.61 -11.98 24.35
CA SER C 20 10.37 -13.17 24.02
C SER C 20 11.74 -12.77 23.48
N LYS C 21 12.68 -13.70 23.63
CA LYS C 21 14.05 -13.54 23.17
C LYS C 21 14.66 -14.92 23.04
N ASP C 22 15.27 -15.20 21.90
CA ASP C 22 15.78 -16.54 21.63
C ASP C 22 17.26 -16.71 21.94
N ASN C 23 18.04 -15.63 21.93
CA ASN C 23 19.48 -15.69 22.21
C ASN C 23 20.17 -16.68 21.27
N SER C 24 19.74 -16.70 20.01
CA SER C 24 20.19 -17.72 19.07
C SER C 24 21.69 -17.64 18.82
N ILE C 25 22.23 -16.43 18.66
CA ILE C 25 23.65 -16.29 18.35
C ILE C 25 24.49 -16.66 19.56
N ARG C 26 24.07 -16.27 20.76
CA ARG C 26 24.81 -16.65 21.97
C ARG C 26 24.81 -18.17 22.14
N LEU C 27 23.68 -18.83 21.89
CA LEU C 27 23.62 -20.28 21.98
C LEU C 27 24.36 -20.97 20.84
N SER C 28 24.57 -20.28 19.72
CA SER C 28 25.27 -20.89 18.58
C SER C 28 26.73 -21.17 18.89
N ALA C 29 27.33 -20.38 19.79
CA ALA C 29 28.73 -20.60 20.15
C ALA C 29 28.94 -21.88 20.95
N GLY C 30 27.87 -22.50 21.44
CA GLY C 30 28.00 -23.72 22.20
C GLY C 30 26.95 -24.76 21.88
N GLY C 31 26.47 -24.76 20.65
CA GLY C 31 25.46 -25.73 20.25
C GLY C 31 25.16 -25.63 18.77
N ASP C 32 24.38 -26.59 18.29
CA ASP C 32 23.98 -26.66 16.88
C ASP C 32 22.72 -25.83 16.70
N ILE C 33 22.88 -24.61 16.19
CA ILE C 33 21.78 -23.68 15.99
C ILE C 33 21.75 -23.29 14.52
N TRP C 34 20.55 -23.28 13.94
CA TRP C 34 20.39 -22.95 12.53
C TRP C 34 20.87 -21.53 12.23
N VAL C 35 21.49 -21.36 11.07
CA VAL C 35 21.72 -20.04 10.52
C VAL C 35 20.43 -19.55 9.89
N THR C 36 19.98 -18.37 10.32
CA THR C 36 18.65 -17.87 9.95
C THR C 36 18.73 -16.42 9.53
N ARG C 37 17.74 -16.02 8.73
CA ARG C 37 17.53 -14.62 8.38
C ARG C 37 16.06 -14.38 8.16
N GLU C 38 15.66 -13.12 8.21
CA GLU C 38 14.28 -12.70 7.98
C GLU C 38 13.28 -13.49 8.82
N PRO C 39 13.36 -13.39 10.15
CA PRO C 39 12.41 -14.11 11.00
C PRO C 39 11.09 -13.36 11.12
N TYR C 40 10.09 -14.07 11.62
CA TYR C 40 8.82 -13.44 11.96
C TYR C 40 8.08 -14.32 12.95
N VAL C 41 7.15 -13.70 13.66
CA VAL C 41 6.32 -14.37 14.65
C VAL C 41 4.90 -14.43 14.12
N SER C 42 4.31 -15.62 14.18
CA SER C 42 2.90 -15.81 13.88
C SER C 42 2.32 -16.74 14.95
N CYS C 43 1.12 -16.43 15.41
CA CYS C 43 0.51 -17.17 16.50
C CYS C 43 -0.72 -17.93 16.01
N ASP C 44 -0.86 -19.16 16.48
CA ASP C 44 -2.10 -19.89 16.38
C ASP C 44 -2.97 -19.55 17.58
N PRO C 45 -4.22 -20.04 17.64
CA PRO C 45 -5.08 -19.67 18.78
C PRO C 45 -4.49 -20.00 20.14
N ASP C 46 -3.63 -21.01 20.24
CA ASP C 46 -3.08 -21.39 21.54
C ASP C 46 -1.76 -20.68 21.86
N LYS C 47 -0.79 -20.72 20.94
CA LYS C 47 0.53 -20.20 21.26
C LYS C 47 1.15 -19.59 20.00
N CYS C 48 2.20 -18.79 20.22
CA CYS C 48 2.91 -18.12 19.13
C CYS C 48 4.08 -18.95 18.67
N TYR C 49 4.43 -18.80 17.40
CA TYR C 49 5.44 -19.63 16.75
C TYR C 49 6.54 -18.77 16.14
N GLN C 50 7.78 -19.22 16.29
CA GLN C 50 8.89 -18.62 15.58
C GLN C 50 8.91 -19.09 14.14
N PHE C 51 9.25 -18.19 13.24
CA PHE C 51 9.51 -18.53 11.84
C PHE C 51 10.78 -17.85 11.41
N ALA C 52 11.58 -18.55 10.61
CA ALA C 52 12.78 -17.97 10.04
C ALA C 52 13.09 -18.70 8.74
N LEU C 53 13.84 -18.02 7.89
CA LEU C 53 14.32 -18.61 6.64
C LEU C 53 15.73 -19.12 6.91
N GLY C 54 15.83 -20.40 7.24
CA GLY C 54 17.12 -21.00 7.49
C GLY C 54 17.97 -21.03 6.23
N GLN C 55 19.28 -21.10 6.42
CA GLN C 55 20.21 -21.15 5.32
C GLN C 55 20.63 -22.57 4.96
N GLY C 56 19.95 -23.57 5.50
CA GLY C 56 20.30 -24.95 5.25
C GLY C 56 21.49 -25.45 6.04
N THR C 57 21.94 -24.71 7.05
CA THR C 57 23.14 -25.06 7.78
C THR C 57 23.04 -24.52 9.20
N THR C 58 23.90 -25.05 10.06
CA THR C 58 24.07 -24.52 11.41
C THR C 58 25.22 -23.51 11.43
N LEU C 59 25.32 -22.78 12.54
CA LEU C 59 26.33 -21.74 12.63
C LEU C 59 27.73 -22.32 12.77
N ASN C 60 27.89 -23.32 13.64
CA ASN C 60 29.18 -23.99 13.79
C ASN C 60 29.26 -25.11 12.74
N ASN C 61 29.43 -24.68 11.50
CA ASN C 61 29.38 -25.55 10.35
C ASN C 61 30.17 -24.90 9.22
N GLY C 62 30.84 -25.71 8.42
CA GLY C 62 31.55 -25.19 7.27
C GLY C 62 30.64 -24.61 6.22
N HIS C 63 29.37 -25.00 6.19
CA HIS C 63 28.41 -24.49 5.23
C HIS C 63 27.84 -23.14 5.63
N SER C 64 28.05 -22.70 6.87
CA SER C 64 27.62 -21.36 7.27
C SER C 64 28.46 -20.27 6.64
N ASN C 65 29.59 -20.62 6.05
CA ASN C 65 30.42 -19.65 5.36
C ASN C 65 29.65 -19.04 4.19
N ASP C 66 29.68 -17.71 4.10
CA ASP C 66 28.99 -16.96 3.05
C ASP C 66 27.50 -17.28 3.03
N THR C 67 26.85 -17.09 4.17
CA THR C 67 25.40 -17.25 4.30
C THR C 67 24.67 -15.92 4.24
N VAL C 68 25.19 -14.95 3.46
CA VAL C 68 24.55 -13.66 3.33
C VAL C 68 23.68 -13.57 2.09
N HIS C 69 23.74 -14.55 1.20
CA HIS C 69 22.92 -14.54 0.00
C HIS C 69 21.45 -14.74 0.35
N ASP C 70 20.59 -13.96 -0.31
CA ASP C 70 19.17 -13.96 0.04
C ASP C 70 18.48 -15.24 -0.46
N ARG C 71 18.84 -15.70 -1.65
CA ARG C 71 18.11 -16.77 -2.32
C ARG C 71 19.06 -17.90 -2.71
N THR C 72 18.98 -19.01 -2.01
CA THR C 72 19.73 -20.23 -2.32
C THR C 72 18.76 -21.40 -2.32
N PRO C 73 19.08 -22.48 -3.05
CA PRO C 73 18.16 -23.62 -3.09
C PRO C 73 17.99 -24.32 -1.75
N TYR C 74 18.90 -24.12 -0.80
CA TYR C 74 18.89 -24.82 0.47
C TYR C 74 18.14 -24.06 1.56
N ARG C 75 17.61 -22.88 1.27
CA ARG C 75 16.86 -22.13 2.26
C ARG C 75 15.51 -22.78 2.51
N THR C 76 15.17 -22.95 3.78
CA THR C 76 13.93 -23.57 4.19
C THR C 76 13.29 -22.72 5.27
N LEU C 77 11.96 -22.79 5.35
CA LEU C 77 11.24 -22.08 6.40
C LEU C 77 11.26 -22.93 7.68
N LEU C 78 11.91 -22.41 8.70
CA LEU C 78 11.96 -23.07 10.00
C LEU C 78 10.79 -22.60 10.85
N MET C 79 10.26 -23.51 11.66
CA MET C 79 9.08 -23.24 12.48
C MET C 79 9.21 -23.97 13.80
N ASN C 80 9.13 -23.23 14.90
CA ASN C 80 8.95 -23.84 16.21
C ASN C 80 8.30 -22.80 17.12
N GLU C 81 7.99 -23.22 18.34
CA GLU C 81 7.32 -22.35 19.29
C GLU C 81 8.21 -21.17 19.66
N LEU C 82 7.56 -20.04 19.95
CA LEU C 82 8.30 -18.85 20.34
C LEU C 82 9.06 -19.10 21.65
N GLY C 83 10.35 -18.79 21.63
CA GLY C 83 11.21 -19.04 22.77
C GLY C 83 12.10 -20.25 22.62
N VAL C 84 11.78 -21.15 21.69
CA VAL C 84 12.60 -22.33 21.43
C VAL C 84 13.60 -21.97 20.33
N PRO C 85 14.90 -22.03 20.61
CA PRO C 85 15.89 -21.73 19.57
C PRO C 85 15.84 -22.75 18.44
N PHE C 86 16.29 -22.31 17.27
CA PHE C 86 16.28 -23.15 16.06
C PHE C 86 17.42 -24.15 16.15
N HIS C 87 17.15 -25.26 16.83
CA HIS C 87 18.10 -26.34 17.01
C HIS C 87 17.89 -27.40 15.93
N LEU C 88 18.61 -28.53 16.06
CA LEU C 88 18.52 -29.58 15.05
C LEU C 88 17.16 -30.25 15.01
N GLY C 89 16.38 -30.17 16.08
CA GLY C 89 15.05 -30.72 16.09
C GLY C 89 13.99 -29.83 15.48
N THR C 90 14.38 -28.67 14.96
CA THR C 90 13.45 -27.75 14.34
C THR C 90 12.88 -28.34 13.05
N LYS C 91 11.62 -28.03 12.78
CA LYS C 91 10.93 -28.49 11.60
C LYS C 91 11.10 -27.48 10.48
N GLN C 92 11.61 -27.94 9.34
CA GLN C 92 11.62 -27.14 8.11
C GLN C 92 10.34 -27.45 7.36
N VAL C 93 9.39 -26.52 7.39
CA VAL C 93 8.06 -26.82 6.87
C VAL C 93 7.99 -26.71 5.35
N CYS C 94 8.92 -25.99 4.72
CA CYS C 94 8.90 -25.86 3.27
C CYS C 94 10.24 -25.32 2.79
N ILE C 95 10.47 -25.45 1.49
CA ILE C 95 11.61 -24.83 0.82
C ILE C 95 11.20 -23.41 0.45
N ALA C 96 11.98 -22.43 0.91
CA ALA C 96 11.62 -21.04 0.70
C ALA C 96 12.80 -20.14 0.99
N TRP C 97 13.11 -19.24 0.05
CA TRP C 97 13.88 -18.06 0.37
C TRP C 97 13.00 -16.83 0.55
N SER C 98 11.69 -17.00 0.42
CA SER C 98 10.70 -15.98 0.73
C SER C 98 9.49 -16.70 1.29
N SER C 99 8.92 -16.18 2.38
CA SER C 99 7.90 -16.93 3.08
C SER C 99 6.88 -16.02 3.72
N SER C 100 5.73 -16.62 4.06
CA SER C 100 4.65 -15.95 4.78
C SER C 100 3.77 -17.03 5.38
N SER C 101 3.49 -16.94 6.68
CA SER C 101 2.77 -17.98 7.39
C SER C 101 1.63 -17.38 8.21
N CYS C 102 0.48 -18.03 8.17
CA CYS C 102 -0.67 -17.58 8.96
C CYS C 102 -1.50 -18.77 9.39
N HIS C 103 -2.20 -18.60 10.50
CA HIS C 103 -3.13 -19.58 11.04
C HIS C 103 -4.54 -19.01 10.94
N ASP C 104 -5.44 -19.76 10.31
CA ASP C 104 -6.82 -19.33 10.16
C ASP C 104 -7.71 -19.76 11.32
N GLY C 105 -7.13 -20.37 12.35
CA GLY C 105 -7.88 -20.95 13.44
C GLY C 105 -8.05 -22.44 13.33
N LYS C 106 -7.84 -23.01 12.14
CA LYS C 106 -7.93 -24.45 11.92
C LYS C 106 -6.60 -25.05 11.54
N ALA C 107 -5.86 -24.46 10.60
CA ALA C 107 -4.64 -25.05 10.10
C ALA C 107 -3.66 -23.94 9.71
N TRP C 108 -2.40 -24.32 9.61
CA TRP C 108 -1.35 -23.39 9.21
C TRP C 108 -1.29 -23.28 7.70
N LEU C 109 -1.28 -22.07 7.18
CA LEU C 109 -1.02 -21.80 5.78
C LEU C 109 0.37 -21.21 5.66
N HIS C 110 1.20 -21.82 4.80
CA HIS C 110 2.54 -21.34 4.53
C HIS C 110 2.66 -21.02 3.05
N VAL C 111 3.01 -19.79 2.74
CA VAL C 111 3.31 -19.37 1.38
C VAL C 111 4.82 -19.35 1.25
N CYS C 112 5.37 -20.22 0.40
CA CYS C 112 6.81 -20.42 0.29
C CYS C 112 7.23 -20.21 -1.14
N VAL C 113 8.17 -19.28 -1.36
CA VAL C 113 8.71 -19.00 -2.68
C VAL C 113 10.12 -19.55 -2.74
N THR C 114 10.39 -20.39 -3.74
CA THR C 114 11.72 -20.91 -3.96
C THR C 114 11.93 -21.07 -5.47
N GLY C 115 13.09 -21.56 -5.84
CA GLY C 115 13.42 -21.74 -7.23
C GLY C 115 14.32 -20.65 -7.78
N ASP C 116 14.34 -20.56 -9.10
CA ASP C 116 15.16 -19.57 -9.78
C ASP C 116 14.60 -18.17 -9.53
N ASP C 117 15.49 -17.17 -9.56
CA ASP C 117 15.05 -15.80 -9.35
C ASP C 117 14.09 -15.35 -10.45
N GLU C 118 14.41 -15.68 -11.69
CA GLU C 118 13.59 -15.26 -12.83
C GLU C 118 12.42 -16.21 -13.11
N ASN C 119 12.39 -17.38 -12.49
CA ASN C 119 11.32 -18.36 -12.70
C ASN C 119 10.91 -18.98 -11.37
N ALA C 120 10.72 -18.15 -10.35
CA ALA C 120 10.37 -18.64 -9.03
C ALA C 120 8.96 -19.21 -9.00
N THR C 121 8.75 -20.16 -8.10
CA THR C 121 7.44 -20.75 -7.86
C THR C 121 7.08 -20.57 -6.40
N ALA C 122 5.87 -20.08 -6.14
CA ALA C 122 5.36 -19.92 -4.79
C ALA C 122 4.41 -21.07 -4.48
N SER C 123 4.74 -21.87 -3.48
CA SER C 123 3.94 -23.00 -3.07
C SER C 123 3.06 -22.59 -1.89
N PHE C 124 1.79 -22.96 -1.95
CA PHE C 124 0.82 -22.62 -0.91
C PHE C 124 0.49 -23.91 -0.16
N ILE C 125 1.12 -24.07 1.01
CA ILE C 125 0.98 -25.27 1.81
C ILE C 125 0.03 -24.99 2.95
N TYR C 126 -1.09 -25.69 2.97
CA TYR C 126 -2.11 -25.54 4.00
C TYR C 126 -2.34 -26.89 4.66
N ASN C 127 -2.37 -26.90 5.99
CA ASN C 127 -2.58 -28.12 6.77
C ASN C 127 -1.52 -29.17 6.47
N GLY C 128 -0.30 -28.74 6.18
CA GLY C 128 0.79 -29.66 5.96
C GLY C 128 0.87 -30.25 4.57
N ARG C 129 0.02 -29.82 3.63
CA ARG C 129 0.02 -30.35 2.29
C ARG C 129 -0.06 -29.21 1.28
N LEU C 130 0.55 -29.43 0.11
CA LEU C 130 0.52 -28.43 -0.95
C LEU C 130 -0.86 -28.39 -1.58
N VAL C 131 -1.49 -27.22 -1.55
CA VAL C 131 -2.84 -27.04 -2.06
C VAL C 131 -2.84 -26.26 -3.37
N ASP C 132 -1.94 -25.30 -3.52
CA ASP C 132 -1.88 -24.50 -4.74
C ASP C 132 -0.45 -24.05 -4.97
N SER C 133 -0.21 -23.51 -6.16
CA SER C 133 1.09 -22.94 -6.50
C SER C 133 0.91 -21.93 -7.62
N ILE C 134 1.80 -20.96 -7.66
CA ILE C 134 1.86 -19.98 -8.74
C ILE C 134 3.30 -19.85 -9.20
N GLY C 135 3.46 -19.43 -10.46
CA GLY C 135 4.76 -19.10 -10.99
C GLY C 135 4.98 -17.59 -10.98
N SER C 136 6.21 -17.21 -11.30
CA SER C 136 6.55 -15.80 -11.39
C SER C 136 5.80 -15.17 -12.56
N TRP C 137 5.12 -14.05 -12.30
CA TRP C 137 4.34 -13.39 -13.35
C TRP C 137 5.10 -12.24 -14.02
N SER C 138 6.10 -11.68 -13.37
CA SER C 138 6.96 -10.68 -13.99
C SER C 138 8.31 -11.25 -14.40
N LYS C 139 8.54 -12.54 -14.17
CA LYS C 139 9.80 -13.22 -14.47
C LYS C 139 10.99 -12.57 -13.80
N LYS C 140 10.75 -11.89 -12.68
CA LYS C 140 11.78 -11.36 -11.81
C LYS C 140 11.61 -12.02 -10.44
N ILE C 141 12.32 -11.52 -9.43
CA ILE C 141 12.33 -12.16 -8.13
C ILE C 141 10.94 -12.04 -7.52
N LEU C 142 10.19 -13.14 -7.51
CA LEU C 142 8.90 -13.19 -6.86
C LEU C 142 9.09 -13.38 -5.36
N ARG C 143 8.42 -12.56 -4.56
CA ARG C 143 8.63 -12.55 -3.12
C ARG C 143 7.31 -12.33 -2.42
N THR C 144 7.34 -12.41 -1.10
CA THR C 144 6.14 -12.26 -0.28
C THR C 144 6.51 -11.44 0.96
N GLN C 145 5.62 -11.44 1.95
CA GLN C 145 5.68 -10.47 3.03
C GLN C 145 6.92 -10.65 3.93
N GLU C 146 7.44 -11.86 4.05
CA GLU C 146 8.45 -12.23 5.04
C GLU C 146 7.92 -12.06 6.46
N SER C 147 6.61 -12.08 6.63
CA SER C 147 5.98 -11.97 7.94
C SER C 147 4.68 -12.77 7.91
N GLU C 148 3.90 -12.66 8.97
CA GLU C 148 2.65 -13.39 9.05
C GLU C 148 1.61 -12.79 8.11
N CYS C 149 0.90 -13.66 7.40
CA CYS C 149 -0.29 -13.22 6.70
C CYS C 149 -1.46 -13.14 7.67
N VAL C 150 -2.60 -12.65 7.17
CA VAL C 150 -3.79 -12.47 7.99
C VAL C 150 -4.93 -13.23 7.36
N CYS C 151 -5.58 -14.07 8.15
CA CYS C 151 -6.76 -14.81 7.73
C CYS C 151 -7.96 -14.30 8.51
N ILE C 152 -8.99 -13.84 7.79
CA ILE C 152 -10.23 -13.40 8.40
C ILE C 152 -11.34 -14.30 7.88
N ASN C 153 -11.97 -15.03 8.80
CA ASN C 153 -13.09 -15.92 8.46
C ASN C 153 -12.70 -16.93 7.38
N GLY C 154 -11.48 -17.48 7.51
CA GLY C 154 -11.02 -18.51 6.61
C GLY C 154 -10.41 -18.01 5.31
N THR C 155 -10.41 -16.70 5.07
CA THR C 155 -9.82 -16.12 3.88
C THR C 155 -8.51 -15.48 4.26
N CYS C 156 -7.39 -16.05 3.80
CA CYS C 156 -6.07 -15.53 4.07
C CYS C 156 -5.61 -14.68 2.90
N THR C 157 -5.12 -13.49 3.20
CA THR C 157 -4.60 -12.57 2.20
C THR C 157 -3.09 -12.49 2.34
N VAL C 158 -2.39 -12.61 1.22
CA VAL C 158 -0.94 -12.49 1.20
C VAL C 158 -0.57 -11.50 0.10
N VAL C 159 0.41 -10.65 0.38
CA VAL C 159 0.86 -9.62 -0.56
C VAL C 159 2.15 -10.13 -1.20
N MET C 160 2.10 -10.35 -2.50
CA MET C 160 3.24 -10.86 -3.26
C MET C 160 3.71 -9.81 -4.25
N THR C 161 5.02 -9.70 -4.41
CA THR C 161 5.62 -8.76 -5.33
C THR C 161 6.47 -9.51 -6.34
N ASP C 162 6.49 -9.01 -7.57
CA ASP C 162 7.31 -9.61 -8.63
C ASP C 162 7.72 -8.48 -9.56
N GLY C 163 9.00 -8.13 -9.56
CA GLY C 163 9.48 -7.08 -10.42
C GLY C 163 10.78 -6.50 -9.87
N SER C 164 11.07 -5.28 -10.33
CA SER C 164 12.31 -4.62 -9.95
C SER C 164 12.29 -4.24 -8.48
N ALA C 165 13.43 -4.44 -7.81
CA ALA C 165 13.59 -4.00 -6.43
C ALA C 165 13.93 -2.52 -6.32
N SER C 166 14.20 -1.86 -7.44
CA SER C 166 14.51 -0.43 -7.48
C SER C 166 13.72 0.25 -8.58
N GLY C 167 12.48 -0.18 -8.78
CA GLY C 167 11.65 0.40 -9.80
C GLY C 167 10.24 -0.11 -9.69
N LYS C 168 9.49 0.03 -10.77
CA LYS C 168 8.10 -0.43 -10.77
C LYS C 168 8.05 -1.94 -10.70
N ALA C 169 7.24 -2.46 -9.78
CA ALA C 169 7.07 -3.89 -9.58
C ALA C 169 5.59 -4.22 -9.54
N ASP C 170 5.26 -5.44 -9.96
CA ASP C 170 3.87 -5.89 -10.02
C ASP C 170 3.52 -6.55 -8.70
N THR C 171 2.94 -5.78 -7.79
CA THR C 171 2.48 -6.30 -6.52
C THR C 171 1.04 -6.79 -6.66
N LYS C 172 0.80 -8.03 -6.27
CA LYS C 172 -0.52 -8.62 -6.30
C LYS C 172 -0.89 -9.09 -4.90
N ILE C 173 -2.16 -8.92 -4.54
CA ILE C 173 -2.69 -9.41 -3.28
C ILE C 173 -3.47 -10.68 -3.58
N LEU C 174 -3.05 -11.78 -2.95
CA LEU C 174 -3.65 -13.09 -3.21
C LEU C 174 -4.56 -13.46 -2.05
N PHE C 175 -5.80 -13.83 -2.39
CA PHE C 175 -6.79 -14.24 -1.40
C PHE C 175 -6.90 -15.75 -1.43
N ILE C 176 -6.68 -16.38 -0.28
CA ILE C 176 -6.48 -17.82 -0.18
C ILE C 176 -7.46 -18.38 0.84
N GLU C 177 -8.17 -19.44 0.47
CA GLU C 177 -9.06 -20.15 1.38
C GLU C 177 -8.65 -21.62 1.41
N GLU C 178 -8.15 -22.07 2.56
CA GLU C 178 -7.69 -23.44 2.75
C GLU C 178 -6.62 -23.82 1.73
N GLY C 179 -5.71 -22.89 1.46
CA GLY C 179 -4.60 -23.14 0.57
C GLY C 179 -4.89 -22.90 -0.90
N LYS C 180 -6.14 -22.72 -1.28
CA LYS C 180 -6.53 -22.51 -2.66
C LYS C 180 -6.68 -21.01 -2.92
N ILE C 181 -6.03 -20.52 -3.97
CA ILE C 181 -6.09 -19.11 -4.33
C ILE C 181 -7.44 -18.86 -5.00
N VAL C 182 -8.35 -18.19 -4.30
CA VAL C 182 -9.66 -17.91 -4.84
C VAL C 182 -9.73 -16.59 -5.61
N HIS C 183 -8.83 -15.65 -5.32
CA HIS C 183 -8.82 -14.37 -6.00
C HIS C 183 -7.41 -13.79 -5.96
N THR C 184 -7.13 -12.91 -6.93
CA THR C 184 -5.88 -12.17 -6.97
C THR C 184 -6.19 -10.75 -7.39
N SER C 185 -5.84 -9.79 -6.55
CA SER C 185 -6.10 -8.39 -6.81
C SER C 185 -4.78 -7.66 -6.99
N PRO C 186 -4.57 -6.96 -8.11
CA PRO C 186 -3.37 -6.13 -8.24
C PRO C 186 -3.40 -4.98 -7.25
N LEU C 187 -2.22 -4.51 -6.87
CA LEU C 187 -2.13 -3.37 -5.97
C LEU C 187 -2.67 -2.12 -6.67
N SER C 188 -3.56 -1.42 -5.98
CA SER C 188 -4.16 -0.21 -6.50
C SER C 188 -4.12 0.88 -5.43
N GLY C 189 -3.80 2.10 -5.84
CA GLY C 189 -3.73 3.20 -4.91
C GLY C 189 -2.55 4.12 -5.15
N SER C 190 -2.09 4.77 -4.08
CA SER C 190 -1.02 5.76 -4.20
C SER C 190 0.37 5.16 -4.06
N ALA C 191 0.50 4.00 -3.42
CA ALA C 191 1.82 3.41 -3.21
C ALA C 191 2.41 2.97 -4.55
N GLN C 192 3.66 3.37 -4.78
CA GLN C 192 4.34 3.11 -6.04
C GLN C 192 5.32 1.95 -5.96
N HIS C 193 5.66 1.50 -4.76
CA HIS C 193 6.48 0.30 -4.60
C HIS C 193 6.12 -0.31 -3.26
N VAL C 194 5.50 -1.49 -3.29
CA VAL C 194 5.05 -2.20 -2.10
C VAL C 194 5.77 -3.53 -2.05
N GLU C 195 6.42 -3.80 -0.92
CA GLU C 195 7.03 -5.10 -0.70
C GLU C 195 7.30 -5.28 0.78
N GLU C 196 7.35 -6.54 1.20
CA GLU C 196 7.70 -6.92 2.57
C GLU C 196 6.78 -6.22 3.56
N CYS C 197 5.49 -6.53 3.44
CA CYS C 197 4.47 -5.88 4.25
C CYS C 197 4.35 -6.53 5.62
N SER C 198 4.00 -5.71 6.60
CA SER C 198 3.63 -6.18 7.94
C SER C 198 2.12 -6.00 8.05
N CYS C 199 1.39 -7.10 7.93
CA CYS C 199 -0.07 -7.06 7.85
C CYS C 199 -0.67 -7.40 9.20
N TYR C 200 -1.67 -6.63 9.61
CA TYR C 200 -2.41 -6.93 10.81
C TYR C 200 -3.90 -6.87 10.52
N PRO C 201 -4.70 -7.67 11.22
CA PRO C 201 -6.16 -7.62 11.03
C PRO C 201 -6.75 -6.35 11.61
N ARG C 202 -7.37 -5.54 10.75
CA ARG C 202 -8.15 -4.39 11.15
C ARG C 202 -9.58 -4.67 10.67
N TYR C 203 -10.37 -5.28 11.55
CA TYR C 203 -11.66 -5.81 11.15
C TYR C 203 -12.54 -4.70 10.56
N PRO C 204 -13.26 -4.97 9.47
CA PRO C 204 -13.39 -6.26 8.79
C PRO C 204 -12.30 -6.54 7.75
N GLY C 205 -11.31 -5.66 7.61
CA GLY C 205 -10.30 -5.78 6.58
C GLY C 205 -8.93 -6.12 7.12
N VAL C 206 -7.93 -5.93 6.26
CA VAL C 206 -6.54 -6.19 6.60
C VAL C 206 -5.73 -4.96 6.23
N ARG C 207 -4.93 -4.47 7.18
CA ARG C 207 -4.06 -3.33 6.95
C ARG C 207 -2.61 -3.81 6.94
N CYS C 208 -1.87 -3.43 5.91
CA CYS C 208 -0.46 -3.81 5.76
C CYS C 208 0.37 -2.55 5.63
N VAL C 209 1.40 -2.44 6.46
CA VAL C 209 2.41 -1.40 6.34
C VAL C 209 3.63 -2.02 5.69
N CYS C 210 3.96 -1.55 4.50
CA CYS C 210 4.94 -2.19 3.64
C CYS C 210 6.20 -1.34 3.58
N ARG C 211 7.14 -1.74 2.73
CA ARG C 211 8.42 -1.09 2.58
C ARG C 211 8.58 -0.63 1.13
N ASP C 212 9.01 0.61 0.95
CA ASP C 212 9.21 1.20 -0.36
C ASP C 212 10.70 1.23 -0.65
N ASN C 213 11.16 0.39 -1.57
CA ASN C 213 12.55 0.32 -1.96
C ASN C 213 12.88 1.23 -3.12
N TRP C 214 11.90 1.94 -3.67
CA TRP C 214 12.10 2.72 -4.89
C TRP C 214 12.31 4.20 -4.62
N LYS C 215 11.35 4.85 -3.99
CA LYS C 215 11.38 6.30 -3.87
C LYS C 215 11.00 6.84 -2.51
N GLY C 216 10.47 6.04 -1.60
CA GLY C 216 10.00 6.60 -0.36
C GLY C 216 10.63 6.03 0.90
N SER C 217 11.09 6.91 1.77
CA SER C 217 11.44 6.50 3.13
C SER C 217 10.23 6.48 4.05
N ASN C 218 9.07 6.94 3.57
CA ASN C 218 7.81 6.74 4.27
C ASN C 218 7.21 5.41 3.86
N ARG C 219 6.48 4.80 4.77
CA ARG C 219 6.07 3.43 4.57
C ARG C 219 4.71 3.38 3.87
N PRO C 220 4.58 2.65 2.77
CA PRO C 220 3.28 2.50 2.13
C PRO C 220 2.30 1.75 3.01
N ILE C 221 1.04 2.12 2.89
CA ILE C 221 -0.06 1.43 3.56
C ILE C 221 -0.91 0.74 2.50
N VAL C 222 -1.26 -0.51 2.76
CA VAL C 222 -2.15 -1.27 1.89
C VAL C 222 -3.34 -1.71 2.72
N ASP C 223 -4.52 -1.24 2.35
CA ASP C 223 -5.76 -1.65 2.99
C ASP C 223 -6.45 -2.67 2.12
N ILE C 224 -6.61 -3.89 2.65
CA ILE C 224 -7.15 -5.02 1.89
C ILE C 224 -8.56 -5.29 2.39
N ASN C 225 -9.52 -5.24 1.49
CA ASN C 225 -10.89 -5.64 1.78
C ASN C 225 -11.01 -7.13 1.45
N VAL C 226 -11.24 -7.96 2.47
CA VAL C 226 -11.26 -9.40 2.26
C VAL C 226 -12.61 -9.91 1.80
N LYS C 227 -13.60 -9.03 1.62
CA LYS C 227 -14.93 -9.43 1.17
C LYS C 227 -15.11 -9.21 -0.33
N ASP C 228 -14.91 -7.97 -0.80
CA ASP C 228 -15.02 -7.67 -2.21
C ASP C 228 -13.66 -7.53 -2.88
N TYR C 229 -12.58 -7.85 -2.18
CA TYR C 229 -11.23 -7.96 -2.76
C TYR C 229 -10.74 -6.64 -3.34
N SER C 230 -11.13 -5.52 -2.75
CA SER C 230 -10.70 -4.21 -3.20
C SER C 230 -9.52 -3.72 -2.38
N ILE C 231 -8.58 -3.04 -3.04
CA ILE C 231 -7.33 -2.60 -2.44
C ILE C 231 -7.26 -1.08 -2.51
N VAL C 232 -7.04 -0.44 -1.38
CA VAL C 232 -6.66 0.96 -1.33
C VAL C 232 -5.22 1.02 -0.85
N SER C 233 -4.52 2.07 -1.27
CA SER C 233 -3.11 2.17 -0.94
C SER C 233 -2.72 3.63 -0.78
N SER C 234 -1.95 3.92 0.26
CA SER C 234 -1.46 5.25 0.55
C SER C 234 -0.13 5.12 1.28
N TYR C 235 0.32 6.20 1.91
CA TYR C 235 1.53 6.20 2.71
C TYR C 235 1.21 6.66 4.11
N VAL C 236 2.08 6.29 5.05
CA VAL C 236 1.92 6.70 6.44
C VAL C 236 2.06 8.22 6.54
N CYS C 237 1.12 8.85 7.24
CA CYS C 237 1.04 10.30 7.28
C CYS C 237 2.11 10.95 8.13
N SER C 238 2.69 10.23 9.09
CA SER C 238 3.62 10.83 10.03
C SER C 238 4.86 11.37 9.31
N GLY C 239 5.30 12.55 9.73
CA GLY C 239 6.54 13.12 9.22
C GLY C 239 7.79 12.47 9.76
N LEU C 240 7.66 11.65 10.79
CA LEU C 240 8.75 10.79 11.26
C LEU C 240 8.63 9.47 10.53
N VAL C 241 9.53 9.22 9.60
CA VAL C 241 9.43 8.09 8.70
C VAL C 241 10.16 6.90 9.29
N GLY C 242 9.63 5.70 9.04
CA GLY C 242 10.12 4.49 9.66
C GLY C 242 11.04 3.62 8.85
N ASP C 243 11.33 4.00 7.60
CA ASP C 243 12.21 3.22 6.75
C ASP C 243 13.65 3.73 6.87
N THR C 244 14.60 2.82 6.71
CA THR C 244 16.00 3.21 6.62
C THR C 244 16.61 2.69 5.32
N PRO C 245 17.39 3.52 4.61
CA PRO C 245 17.85 4.87 4.96
C PRO C 245 16.76 5.93 4.90
N ARG C 246 16.99 7.07 5.55
CA ARG C 246 16.02 8.15 5.60
C ARG C 246 16.75 9.43 5.98
N LYS C 247 16.06 10.55 5.84
CA LYS C 247 16.56 11.81 6.36
C LYS C 247 16.37 11.87 7.87
N ASN C 248 17.03 12.83 8.50
CA ASN C 248 16.90 12.99 9.95
C ASN C 248 15.50 13.53 10.28
N ASP C 249 15.24 13.65 11.58
CA ASP C 249 13.89 13.95 12.04
C ASP C 249 13.44 15.33 11.57
N SER C 250 14.35 16.29 11.52
CA SER C 250 14.00 17.66 11.14
C SER C 250 13.77 17.83 9.65
N SER C 251 14.26 16.91 8.81
CA SER C 251 14.12 17.04 7.37
C SER C 251 13.27 15.96 6.73
N SER C 252 12.95 14.89 7.43
CA SER C 252 12.07 13.87 6.87
C SER C 252 10.63 14.40 6.78
N SER C 253 9.85 13.80 5.89
CA SER C 253 8.49 14.23 5.68
C SER C 253 7.69 13.11 5.03
N SER C 254 6.37 13.25 5.07
CA SER C 254 5.46 12.34 4.40
C SER C 254 4.13 13.06 4.21
N HIS C 255 3.50 12.84 3.05
CA HIS C 255 2.24 13.50 2.73
C HIS C 255 1.15 12.51 2.33
N CYS C 256 1.32 11.23 2.69
CA CYS C 256 0.26 10.23 2.69
C CYS C 256 -0.23 9.84 1.31
N LEU C 257 0.27 10.50 0.26
CA LEU C 257 -0.22 10.23 -1.09
C LEU C 257 0.86 9.94 -2.10
N ASP C 258 2.13 10.08 -1.75
CA ASP C 258 3.23 9.80 -2.66
C ASP C 258 4.48 9.55 -1.83
N PRO C 259 5.47 8.84 -2.40
CA PRO C 259 6.76 8.73 -1.72
C PRO C 259 7.40 10.10 -1.54
N ASN C 260 8.11 10.26 -0.43
CA ASN C 260 8.69 11.56 -0.09
C ASN C 260 9.96 11.87 -0.87
N ASN C 261 10.55 10.88 -1.55
CA ASN C 261 11.78 11.06 -2.32
C ASN C 261 12.92 11.56 -1.44
N GLU C 262 13.04 10.99 -0.24
CA GLU C 262 14.07 11.35 0.73
C GLU C 262 14.80 10.07 1.14
N GLU C 263 15.86 9.73 0.41
CA GLU C 263 16.61 8.49 0.63
C GLU C 263 15.70 7.28 0.56
N GLY C 264 14.79 7.28 -0.40
CA GLY C 264 13.88 6.18 -0.60
C GLY C 264 14.39 5.06 -1.49
N GLY C 265 15.66 5.13 -1.90
CA GLY C 265 16.20 4.15 -2.82
C GLY C 265 16.41 2.77 -2.25
N HIS C 266 16.16 2.58 -0.96
CA HIS C 266 16.29 1.29 -0.31
C HIS C 266 15.23 1.22 0.79
N GLY C 267 15.37 0.25 1.68
CA GLY C 267 14.43 0.16 2.78
C GLY C 267 14.75 -1.01 3.67
N VAL C 268 14.00 -1.10 4.75
CA VAL C 268 14.03 -2.23 5.67
C VAL C 268 12.59 -2.62 5.95
N LYS C 269 12.38 -3.89 6.29
CA LYS C 269 11.06 -4.31 6.71
C LYS C 269 10.75 -3.73 8.09
N GLY C 270 9.61 -3.06 8.19
CA GLY C 270 9.20 -2.45 9.44
C GLY C 270 7.73 -2.62 9.67
N TRP C 271 7.15 -1.82 10.57
CA TRP C 271 5.75 -1.96 10.89
C TRP C 271 5.20 -0.62 11.36
N ALA C 272 3.88 -0.51 11.33
CA ALA C 272 3.15 0.62 11.91
C ALA C 272 1.70 0.19 12.03
N PHE C 273 1.02 0.76 13.02
CA PHE C 273 -0.42 0.53 13.15
C PHE C 273 -1.05 1.76 13.78
N ASP C 274 -2.31 1.97 13.45
CA ASP C 274 -3.03 3.16 13.86
C ASP C 274 -3.75 2.92 15.19
N ASP C 275 -3.61 3.87 16.11
CA ASP C 275 -4.39 3.90 17.34
C ASP C 275 -5.30 5.13 17.23
N GLY C 276 -6.44 4.96 16.58
CA GLY C 276 -7.28 6.08 16.25
C GLY C 276 -6.66 6.94 15.17
N ASN C 277 -6.39 8.20 15.48
CA ASN C 277 -5.69 9.08 14.56
C ASN C 277 -4.18 9.01 14.73
N ASP C 278 -3.70 8.45 15.84
CA ASP C 278 -2.27 8.32 16.07
C ASP C 278 -1.74 7.05 15.42
N VAL C 279 -0.42 6.99 15.26
CA VAL C 279 0.24 5.83 14.70
C VAL C 279 1.32 5.35 15.67
N TRP C 280 1.32 4.06 15.96
CA TRP C 280 2.41 3.42 16.68
C TRP C 280 3.35 2.83 15.66
N MET C 281 4.61 3.26 15.67
CA MET C 281 5.56 2.80 14.68
C MET C 281 6.91 2.52 15.33
N GLY C 282 7.62 1.55 14.78
CA GLY C 282 8.98 1.25 15.18
C GLY C 282 9.92 1.48 14.03
N ARG C 283 11.14 1.90 14.37
CA ARG C 283 12.14 2.16 13.35
C ARG C 283 13.52 2.05 13.98
N THR C 284 14.53 1.87 13.12
CA THR C 284 15.91 1.86 13.59
C THR C 284 16.31 3.25 14.04
N ILE C 285 17.08 3.31 15.13
CA ILE C 285 17.55 4.59 15.63
C ILE C 285 18.51 5.23 14.63
N SER C 286 19.38 4.43 14.04
CA SER C 286 20.28 4.94 13.01
C SER C 286 19.50 5.24 11.74
N GLU C 287 19.72 6.43 11.17
CA GLU C 287 19.02 6.82 9.95
C GLU C 287 19.58 6.12 8.73
N LYS C 288 20.86 5.74 8.75
CA LYS C 288 21.52 5.13 7.60
C LYS C 288 21.63 3.61 7.72
N LEU C 289 22.13 3.11 8.84
CA LEU C 289 22.31 1.69 9.05
C LEU C 289 21.13 1.12 9.85
N ARG C 290 21.03 -0.20 9.84
CA ARG C 290 20.04 -0.90 10.66
C ARG C 290 20.61 -1.17 12.05
N SER C 291 20.97 -0.09 12.72
CA SER C 291 21.56 -0.13 14.06
C SER C 291 20.59 0.50 15.04
N GLY C 292 20.25 -0.24 16.09
CA GLY C 292 19.31 0.24 17.08
C GLY C 292 17.87 0.10 16.61
N TYR C 293 16.95 0.28 17.54
CA TYR C 293 15.53 0.21 17.23
C TYR C 293 14.75 0.95 18.29
N GLU C 294 13.80 1.78 17.85
CA GLU C 294 12.95 2.53 18.76
C GLU C 294 11.51 2.43 18.30
N THR C 295 10.60 2.50 19.25
CA THR C 295 9.17 2.56 18.97
C THR C 295 8.59 3.79 19.65
N PHE C 296 7.64 4.43 18.98
CA PHE C 296 7.01 5.62 19.52
C PHE C 296 5.65 5.79 18.86
N LYS C 297 4.82 6.62 19.49
CA LYS C 297 3.53 7.01 18.93
C LYS C 297 3.63 8.44 18.44
N VAL C 298 3.14 8.68 17.22
CA VAL C 298 3.06 10.02 16.67
C VAL C 298 1.61 10.49 16.79
N ILE C 299 1.41 11.64 17.43
CA ILE C 299 0.07 12.17 17.61
C ILE C 299 -0.47 12.64 16.27
N GLU C 300 -1.66 12.15 15.90
CA GLU C 300 -2.27 12.41 14.60
C GLU C 300 -1.36 11.97 13.46
N GLY C 301 -0.51 10.98 13.71
CA GLY C 301 0.43 10.52 12.71
C GLY C 301 -0.16 9.63 11.64
N TRP C 302 -1.41 9.21 11.80
CA TRP C 302 -2.08 8.42 10.79
C TRP C 302 -3.04 9.23 9.94
N SER C 303 -3.62 10.29 10.50
CA SER C 303 -4.60 11.12 9.81
C SER C 303 -4.03 12.44 9.32
N LYS C 304 -3.14 13.07 10.09
CA LYS C 304 -2.60 14.38 9.73
C LYS C 304 -1.28 14.21 9.00
N PRO C 305 -1.17 14.68 7.76
CA PRO C 305 0.10 14.56 7.03
C PRO C 305 1.23 15.32 7.72
N ASN C 306 2.44 14.77 7.64
CA ASN C 306 3.65 15.40 8.16
C ASN C 306 3.54 15.74 9.64
N SER C 307 3.02 14.79 10.41
CA SER C 307 2.89 14.93 11.85
C SER C 307 4.17 14.44 12.53
N LYS C 308 4.70 15.24 13.45
CA LYS C 308 5.97 14.92 14.09
C LYS C 308 5.90 15.01 15.61
N LEU C 309 4.70 15.03 16.19
CA LEU C 309 4.55 15.05 17.64
C LEU C 309 4.60 13.63 18.15
N GLN C 310 5.79 13.20 18.58
CA GLN C 310 5.99 11.83 19.04
C GLN C 310 5.93 11.76 20.56
N ILE C 311 5.55 10.59 21.06
CA ILE C 311 5.35 10.36 22.48
C ILE C 311 5.56 8.87 22.74
N ASN C 312 5.78 8.53 24.02
CA ASN C 312 5.90 7.15 24.46
C ASN C 312 7.03 6.41 23.72
N ARG C 313 8.17 7.08 23.59
CA ARG C 313 9.30 6.49 22.89
C ARG C 313 9.98 5.44 23.74
N GLN C 314 10.17 4.25 23.17
CA GLN C 314 10.86 3.15 23.83
C GLN C 314 12.06 2.76 22.98
N VAL C 315 13.21 2.59 23.62
CA VAL C 315 14.39 2.06 22.96
C VAL C 315 14.36 0.54 23.11
N ILE C 316 14.09 -0.16 22.01
CA ILE C 316 14.12 -1.61 22.05
C ILE C 316 15.54 -2.13 21.95
N VAL C 317 16.33 -1.57 21.03
CA VAL C 317 17.74 -1.87 20.89
C VAL C 317 18.49 -0.55 20.85
N ASP C 318 19.57 -0.45 21.62
CA ASP C 318 20.29 0.82 21.71
C ASP C 318 21.07 1.08 20.42
N ARG C 319 21.62 2.29 20.33
CA ARG C 319 22.24 2.75 19.09
C ARG C 319 23.38 1.84 18.65
N GLY C 320 24.17 1.35 19.59
CA GLY C 320 25.38 0.63 19.27
C GLY C 320 25.21 -0.81 18.88
N ASN C 321 23.99 -1.33 18.82
CA ASN C 321 23.74 -2.73 18.52
C ASN C 321 22.95 -2.85 17.24
N ARG C 322 23.25 -3.89 16.47
CA ARG C 322 22.61 -4.10 15.17
C ARG C 322 21.18 -4.55 15.33
N SER C 323 20.28 -3.94 14.59
CA SER C 323 18.92 -4.41 14.43
C SER C 323 18.74 -4.91 13.00
N GLY C 324 17.50 -5.25 12.66
CA GLY C 324 17.23 -5.74 11.32
C GLY C 324 15.77 -5.62 10.95
N TYR C 325 15.22 -6.66 10.35
CA TYR C 325 13.81 -6.66 9.98
C TYR C 325 12.95 -6.58 11.22
N SER C 326 11.85 -5.83 11.13
CA SER C 326 10.86 -5.79 12.18
C SER C 326 9.49 -5.93 11.55
N GLY C 327 8.55 -6.47 12.32
CA GLY C 327 7.23 -6.73 11.79
C GLY C 327 6.23 -6.85 12.91
N ILE C 328 4.97 -6.82 12.54
CA ILE C 328 3.87 -6.83 13.50
C ILE C 328 3.18 -8.17 13.43
N PHE C 329 2.64 -8.60 14.57
CA PHE C 329 1.75 -9.74 14.62
C PHE C 329 0.73 -9.51 15.71
N SER C 330 -0.47 -10.04 15.50
CA SER C 330 -1.61 -9.77 16.36
C SER C 330 -1.94 -11.01 17.18
N VAL C 331 -2.38 -10.78 18.41
CA VAL C 331 -2.76 -11.85 19.34
C VAL C 331 -4.18 -11.57 19.80
N GLU C 332 -5.03 -12.58 19.70
CA GLU C 332 -6.42 -12.45 20.17
C GLU C 332 -6.43 -12.58 21.69
N GLY C 333 -6.75 -11.48 22.36
CA GLY C 333 -6.89 -11.48 23.81
C GLY C 333 -8.28 -11.90 24.25
N LYS C 334 -8.52 -11.74 25.55
CA LYS C 334 -9.84 -12.05 26.08
C LYS C 334 -10.91 -11.11 25.51
N SER C 335 -10.59 -9.82 25.40
CA SER C 335 -11.56 -8.83 24.99
C SER C 335 -11.11 -7.91 23.87
N CYS C 336 -9.85 -7.99 23.43
CA CYS C 336 -9.37 -7.09 22.39
C CYS C 336 -8.20 -7.73 21.68
N ILE C 337 -7.86 -7.16 20.52
CA ILE C 337 -6.70 -7.60 19.74
C ILE C 337 -5.49 -6.79 20.16
N ASN C 338 -4.42 -7.49 20.54
CA ASN C 338 -3.19 -6.85 20.96
C ASN C 338 -2.19 -6.84 19.80
N ARG C 339 -1.49 -5.73 19.66
CA ARG C 339 -0.46 -5.59 18.63
C ARG C 339 0.90 -5.85 19.24
N CYS C 340 1.60 -6.84 18.70
CA CYS C 340 2.93 -7.21 19.13
C CYS C 340 3.88 -7.12 17.95
N PHE C 341 5.14 -6.82 18.22
CA PHE C 341 6.13 -6.72 17.17
C PHE C 341 7.40 -7.44 17.58
N TYR C 342 8.14 -7.89 16.56
CA TYR C 342 9.44 -8.52 16.73
C TYR C 342 10.48 -7.67 16.03
N VAL C 343 11.72 -7.76 16.49
CA VAL C 343 12.86 -7.13 15.83
C VAL C 343 13.90 -8.20 15.57
N GLU C 344 14.38 -8.27 14.33
CA GLU C 344 15.48 -9.16 14.00
C GLU C 344 16.80 -8.48 14.35
N LEU C 345 17.68 -9.21 15.01
CA LEU C 345 18.98 -8.68 15.42
C LEU C 345 20.05 -9.37 14.57
N ILE C 346 20.32 -8.79 13.40
CA ILE C 346 21.27 -9.39 12.47
C ILE C 346 22.68 -9.28 13.03
N ARG C 347 23.45 -10.35 12.91
CA ARG C 347 24.85 -10.36 13.26
C ARG C 347 25.63 -11.05 12.15
N GLY C 348 26.89 -10.72 12.03
CA GLY C 348 27.78 -11.40 11.11
C GLY C 348 28.16 -10.53 9.92
N ARG C 349 28.31 -11.19 8.78
CA ARG C 349 29.00 -10.61 7.64
C ARG C 349 28.23 -9.45 7.03
N LYS C 350 28.93 -8.74 6.15
CA LYS C 350 28.51 -7.51 5.46
C LYS C 350 28.53 -6.31 6.38
N GLN C 351 28.67 -6.53 7.68
CA GLN C 351 29.03 -5.44 8.59
C GLN C 351 30.15 -5.88 9.53
N GLU C 352 30.10 -7.13 9.98
CA GLU C 352 31.07 -7.66 10.95
C GLU C 352 31.93 -8.69 10.23
N THR C 353 33.16 -8.32 9.93
CA THR C 353 34.07 -9.17 9.17
C THR C 353 34.86 -10.11 10.05
N GLU C 354 34.50 -10.23 11.33
CA GLU C 354 35.13 -11.18 12.24
C GLU C 354 34.67 -12.61 12.03
N VAL C 355 33.52 -12.81 11.39
CA VAL C 355 32.98 -14.13 11.13
C VAL C 355 32.55 -14.20 9.67
N LEU C 356 32.40 -15.42 9.16
CA LEU C 356 32.03 -15.64 7.78
C LEU C 356 30.54 -15.87 7.58
N TRP C 357 29.76 -15.90 8.65
CA TRP C 357 28.34 -16.21 8.58
C TRP C 357 27.51 -14.95 8.77
N THR C 358 26.24 -15.05 8.41
CA THR C 358 25.25 -14.00 8.64
C THR C 358 24.00 -14.66 9.21
N SER C 359 23.80 -14.51 10.51
CA SER C 359 22.62 -15.05 11.18
C SER C 359 22.00 -13.94 12.02
N ASN C 360 20.98 -14.28 12.78
CA ASN C 360 20.27 -13.27 13.54
C ASN C 360 19.60 -13.90 14.75
N SER C 361 19.22 -13.05 15.70
CA SER C 361 18.32 -13.39 16.79
C SER C 361 17.05 -12.57 16.63
N ILE C 362 16.09 -12.81 17.53
CA ILE C 362 14.82 -12.10 17.52
C ILE C 362 14.48 -11.70 18.94
N VAL C 363 13.92 -10.51 19.08
CA VAL C 363 13.35 -10.05 20.36
C VAL C 363 11.93 -9.59 20.08
N VAL C 364 10.99 -10.06 20.88
CA VAL C 364 9.56 -9.86 20.66
C VAL C 364 9.02 -8.94 21.74
N PHE C 365 8.22 -7.96 21.34
CA PHE C 365 7.58 -7.03 22.26
C PHE C 365 6.09 -7.01 21.98
N CYS C 366 5.29 -7.09 23.03
CA CYS C 366 3.84 -7.08 22.91
C CYS C 366 3.29 -5.79 23.50
N GLY C 367 2.27 -5.24 22.83
CA GLY C 367 1.64 -4.03 23.34
C GLY C 367 1.01 -4.26 24.70
N THR C 368 1.07 -3.24 25.54
CA THR C 368 0.52 -3.33 26.89
C THR C 368 -0.27 -2.06 27.19
N SER C 369 -1.37 -2.23 27.92
CA SER C 369 -2.15 -1.11 28.40
C SER C 369 -1.70 -0.62 29.77
N GLY C 370 -0.76 -1.32 30.41
CA GLY C 370 -0.22 -0.92 31.68
C GLY C 370 1.05 -0.12 31.55
N THR C 371 1.83 -0.09 32.63
CA THR C 371 3.08 0.64 32.65
C THR C 371 4.24 -0.28 32.31
N TYR C 372 5.42 0.32 32.15
CA TYR C 372 6.62 -0.41 31.81
C TYR C 372 7.82 0.46 32.17
N GLY C 373 9.01 -0.11 32.02
CA GLY C 373 10.23 0.62 32.26
C GLY C 373 11.05 0.80 31.00
N THR C 374 12.36 0.86 31.15
CA THR C 374 13.28 1.00 30.04
C THR C 374 14.21 -0.20 29.99
N GLY C 375 15.15 -0.17 29.06
CA GLY C 375 16.10 -1.25 28.89
C GLY C 375 16.41 -1.44 27.43
N SER C 376 17.46 -2.20 27.18
CA SER C 376 17.87 -2.57 25.84
C SER C 376 18.10 -4.07 25.81
N TRP C 377 17.62 -4.71 24.74
CA TRP C 377 17.69 -6.16 24.58
C TRP C 377 18.36 -6.47 23.26
N PRO C 378 19.68 -6.30 23.17
CA PRO C 378 20.39 -6.57 21.93
C PRO C 378 20.65 -8.05 21.71
N ASP C 379 21.43 -8.37 20.67
CA ASP C 379 21.81 -9.75 20.43
C ASP C 379 22.57 -10.33 21.63
N GLY C 380 23.54 -9.57 22.14
CA GLY C 380 24.28 -9.98 23.32
C GLY C 380 25.40 -10.96 23.07
N ALA C 381 25.70 -11.29 21.82
CA ALA C 381 26.73 -12.25 21.51
C ALA C 381 28.05 -11.54 21.20
N ASP C 382 29.12 -11.99 21.83
CA ASP C 382 30.45 -11.48 21.54
C ASP C 382 30.94 -12.11 20.25
N ILE C 383 31.17 -11.28 19.22
CA ILE C 383 31.54 -11.80 17.92
C ILE C 383 32.92 -12.45 17.94
N ASN C 384 33.74 -12.14 18.95
CA ASN C 384 35.05 -12.77 19.09
C ASN C 384 34.96 -14.16 19.70
N LEU C 385 33.84 -14.50 20.35
CA LEU C 385 33.64 -15.83 20.90
C LEU C 385 32.94 -16.78 19.93
N MET C 386 32.44 -16.27 18.81
CA MET C 386 31.75 -17.10 17.85
C MET C 386 32.73 -17.84 16.94
N PRO C 387 32.35 -19.00 16.42
CA PRO C 387 33.13 -19.62 15.35
C PRO C 387 33.18 -18.71 14.12
N ILE C 388 34.31 -18.73 13.44
CA ILE C 388 34.50 -17.88 12.27
C ILE C 388 33.53 -18.28 11.17
C1 NAG D . 9.90 -21.33 -16.38
C2 NAG D . 10.56 -21.70 -17.71
C3 NAG D . 9.56 -22.41 -18.63
C4 NAG D . 8.91 -23.59 -17.91
C5 NAG D . 8.30 -23.11 -16.60
C6 NAG D . 7.73 -24.24 -15.77
C7 NAG D . 12.36 -20.08 -18.15
C8 NAG D . 12.75 -18.85 -18.92
N2 NAG D . 11.11 -20.52 -18.36
O3 NAG D . 10.24 -22.86 -19.79
O4 NAG D . 7.90 -24.15 -18.73
O5 NAG D . 9.31 -22.49 -15.79
O6 NAG D . 8.73 -25.17 -15.40
O7 NAG D . 13.12 -20.65 -17.38
C1 NAG D . 8.22 -25.52 -19.05
C2 NAG D . 6.99 -26.16 -19.69
C3 NAG D . 7.30 -27.59 -20.13
C4 NAG D . 8.57 -27.64 -20.97
C5 NAG D . 9.71 -26.95 -20.26
C6 NAG D . 10.97 -26.84 -21.08
C7 NAG D . 4.96 -25.15 -18.75
C8 NAG D . 3.86 -25.30 -17.75
N2 NAG D . 5.86 -26.14 -18.78
O3 NAG D . 6.20 -28.10 -20.88
O4 NAG D . 8.90 -29.01 -21.21
O5 NAG D . 9.32 -25.60 -19.93
O6 NAG D . 10.84 -25.87 -22.11
O7 NAG D . 5.04 -24.17 -19.48
C1 BMA D . 9.11 -29.28 -22.61
C2 BMA D . 10.08 -30.46 -22.67
C3 BMA D . 10.29 -30.90 -24.12
C4 BMA D . 8.95 -31.08 -24.85
C5 BMA D . 8.07 -29.84 -24.67
C6 BMA D . 6.70 -30.01 -25.29
O2 BMA D . 9.57 -31.57 -21.98
O3 BMA D . 11.01 -32.11 -24.14
O4 BMA D . 9.19 -31.29 -26.23
O5 BMA D . 7.89 -29.60 -23.27
O6 BMA D . 5.82 -29.08 -24.70
C1 MAN D . 12.19 -31.94 -24.95
C2 MAN D . 12.75 -33.35 -25.23
C3 MAN D . 13.30 -33.95 -23.94
C4 MAN D . 14.34 -33.01 -23.33
C5 MAN D . 13.69 -31.65 -23.05
C6 MAN D . 14.67 -30.63 -22.51
O2 MAN D . 13.85 -33.29 -26.14
O3 MAN D . 13.86 -35.23 -24.15
O4 MAN D . 14.83 -33.55 -22.12
O5 MAN D . 13.15 -31.12 -24.28
O6 MAN D . 13.96 -29.43 -22.25
C1 MAN D . 13.57 -34.10 -27.30
C2 MAN D . 14.82 -33.97 -28.23
C3 MAN D . 14.83 -32.61 -28.93
C4 MAN D . 13.50 -32.37 -29.65
C5 MAN D . 12.37 -32.40 -28.62
C6 MAN D . 11.00 -32.19 -29.21
O2 MAN D . 14.79 -34.95 -29.28
O3 MAN D . 15.91 -32.50 -29.85
O4 MAN D . 13.50 -31.11 -30.28
O5 MAN D . 12.37 -33.70 -27.95
O6 MAN D . 10.58 -33.42 -29.80
C1 MAN E . 5.84 -26.93 -27.08
C2 MAN E . 4.80 -26.07 -26.35
C3 MAN E . 3.57 -26.91 -25.97
C4 MAN E . 3.08 -27.74 -27.16
C5 MAN E . 4.22 -28.61 -27.66
C6 MAN E . 3.84 -29.46 -28.86
O2 MAN E . 4.30 -25.03 -27.20
O3 MAN E . 2.52 -26.09 -25.45
O4 MAN E . 2.01 -28.56 -26.75
O5 MAN E . 5.30 -27.74 -28.08
O6 MAN E . 4.69 -29.11 -29.95
C1 NAG F . 34.33 -19.34 2.36
C2 NAG F . 35.55 -20.21 2.11
C3 NAG F . 36.54 -19.48 1.21
C4 NAG F . 35.86 -19.01 -0.07
C5 NAG F . 34.61 -18.20 0.27
C6 NAG F . 33.81 -17.81 -0.95
C7 NAG F . 36.70 -19.82 4.26
C8 NAG F . 37.30 -20.48 5.47
N2 NAG F . 36.19 -20.64 3.34
O3 NAG F . 37.63 -20.34 0.89
O4 NAG F . 36.74 -18.21 -0.84
O5 NAG F . 33.74 -18.96 1.12
O6 NAG F . 33.03 -18.90 -1.42
O7 NAG F . 36.68 -18.59 4.14
C1 NAG G . 20.40 16.48 9.16
C2 NAG G . 19.70 17.39 8.13
C3 NAG G . 19.90 18.85 8.50
C4 NAG G . 19.46 19.07 9.94
C5 NAG G . 20.39 18.31 10.88
C6 NAG G . 19.65 17.62 12.00
C7 NAG G . 19.51 17.44 5.69
C8 NAG G . 20.16 17.09 4.38
N2 NAG G . 20.19 17.12 6.79
O3 NAG G . 19.14 19.66 7.62
O4 NAG G . 19.52 20.47 10.25
O5 NAG G . 21.13 17.30 10.17
O6 NAG G . 20.55 17.15 13.00
O7 NAG G . 18.42 17.99 5.74
C1 NAG H . -17.72 -16.39 7.04
C2 NAG H . -18.87 -15.53 7.53
C3 NAG H . -20.15 -15.82 6.74
C4 NAG H . -20.28 -17.30 6.40
C5 NAG H . -19.02 -17.84 5.72
C6 NAG H . -19.24 -18.21 4.28
C7 NAG H . -18.83 -14.77 9.87
C8 NAG H . -19.13 -15.14 11.29
N2 NAG H . -19.10 -15.71 8.96
O3 NAG H . -20.15 -15.05 5.55
O4 NAG H . -20.52 -18.05 7.59
O5 NAG H . -17.99 -16.84 5.74
O6 NAG H . -18.12 -18.91 3.75
O7 NAG H . -18.38 -13.67 9.56
#